data_1WLV
#
_entry.id   1WLV
#
_cell.length_a   87.090
_cell.length_b   82.583
_cell.length_c   59.390
_cell.angle_alpha   90.00
_cell.angle_beta   92.16
_cell.angle_gamma   90.00
#
_symmetry.space_group_name_H-M   'P 1 21 1'
#
loop_
_entity.id
_entity.type
_entity.pdbx_description
1 polymer 'phenylacetic acid degradation protein PaaI'
2 non-polymer 'CHLORIDE ION'
3 non-polymer 'COENZYME A'
4 non-polymer 'ACETATE ION'
5 water water
#
_entity_poly.entity_id   1
_entity_poly.type   'polypeptide(L)'
_entity_poly.pdbx_seq_one_letter_code
;MRDPFMEALGLKVLHLAPGEAVVAGEVRADHLNLHGTAHGGFLYALADSAFALASNTRGPAVALSCRMDYFRPLGAGARV
EARAVEVNLSRRTATYRVEVVSEGKLVALFTGTVFRLGGDGDDVPAGTGNLAPREA
;
_entity_poly.pdbx_strand_id   A,B,C,D,E,F,G,H
#
# COMPACT_ATOMS: atom_id res chain seq x y z
N MET A 1 0.23 -1.86 15.66
CA MET A 1 0.86 -2.77 14.67
C MET A 1 2.17 -3.31 15.25
N ARG A 2 2.26 -4.64 15.34
CA ARG A 2 3.45 -5.27 15.89
C ARG A 2 4.68 -5.15 15.00
N ASP A 3 5.82 -4.85 15.63
CA ASP A 3 7.08 -4.75 14.89
C ASP A 3 8.02 -5.76 15.53
N PRO A 4 8.21 -6.91 14.87
CA PRO A 4 9.10 -7.97 15.36
C PRO A 4 10.50 -7.54 15.77
N PHE A 5 11.16 -6.72 14.96
CA PHE A 5 12.52 -6.28 15.27
C PHE A 5 12.56 -5.41 16.52
N MET A 6 11.59 -4.51 16.67
CA MET A 6 11.53 -3.66 17.85
C MET A 6 11.43 -4.54 19.09
N GLU A 7 10.54 -5.53 19.04
CA GLU A 7 10.34 -6.41 20.17
C GLU A 7 11.58 -7.27 20.44
N ALA A 8 12.29 -7.64 19.39
CA ALA A 8 13.51 -8.44 19.55
C ALA A 8 14.56 -7.62 20.27
N LEU A 9 14.57 -6.31 20.03
CA LEU A 9 15.54 -5.43 20.69
C LEU A 9 15.03 -4.91 22.03
N GLY A 10 13.81 -5.31 22.40
CA GLY A 10 13.25 -4.87 23.67
C GLY A 10 12.76 -3.43 23.65
N LEU A 11 12.50 -2.89 22.47
CA LEU A 11 12.03 -1.52 22.34
C LEU A 11 10.52 -1.47 22.52
N LYS A 12 10.06 -0.48 23.28
CA LYS A 12 8.63 -0.34 23.53
C LYS A 12 8.09 1.01 23.05
N VAL A 13 6.90 1.00 22.46
CA VAL A 13 6.27 2.23 22.01
C VAL A 13 5.62 2.85 23.24
N LEU A 14 5.99 4.08 23.57
CA LEU A 14 5.41 4.74 24.74
C LEU A 14 4.23 5.63 24.35
N HIS A 15 4.42 6.41 23.29
CA HIS A 15 3.39 7.33 22.85
C HIS A 15 3.34 7.43 21.34
N LEU A 16 2.12 7.57 20.81
CA LEU A 16 1.92 7.70 19.38
C LEU A 16 0.84 8.75 19.14
N ALA A 17 1.07 9.64 18.19
CA ALA A 17 0.13 10.70 17.85
C ALA A 17 0.41 11.12 16.42
N PRO A 18 -0.53 11.86 15.80
CA PRO A 18 -0.31 12.29 14.41
C PRO A 18 1.08 12.91 14.20
N GLY A 19 1.87 12.27 13.34
CA GLY A 19 3.20 12.77 13.03
C GLY A 19 4.26 12.70 14.13
N GLU A 20 4.00 11.94 15.19
CA GLU A 20 4.97 11.83 16.26
C GLU A 20 4.92 10.51 17.02
N ALA A 21 6.04 10.16 17.62
CA ALA A 21 6.12 8.91 18.38
C ALA A 21 7.31 8.95 19.35
N VAL A 22 7.15 8.23 20.46
CA VAL A 22 8.21 8.13 21.46
C VAL A 22 8.39 6.64 21.73
N VAL A 23 9.61 6.17 21.53
CA VAL A 23 9.96 4.77 21.73
C VAL A 23 11.03 4.69 22.81
N ALA A 24 10.92 3.70 23.69
CA ALA A 24 11.89 3.55 24.76
C ALA A 24 12.57 2.19 24.73
N GLY A 25 13.76 2.13 25.30
CA GLY A 25 14.50 0.89 25.35
C GLY A 25 15.61 0.96 26.37
N GLU A 26 16.36 -0.12 26.50
CA GLU A 26 17.48 -0.19 27.43
C GLU A 26 18.61 -0.94 26.74
N VAL A 27 19.83 -0.44 26.87
CA VAL A 27 20.98 -1.10 26.27
C VAL A 27 21.24 -2.37 27.06
N ARG A 28 21.20 -3.51 26.38
CA ARG A 28 21.42 -4.79 27.02
C ARG A 28 22.77 -5.37 26.60
N ALA A 29 23.18 -6.46 27.26
CA ALA A 29 24.44 -7.10 26.96
C ALA A 29 24.54 -7.50 25.49
N ASP A 30 23.41 -7.88 24.89
CA ASP A 30 23.41 -8.29 23.49
C ASP A 30 23.37 -7.15 22.48
N HIS A 31 23.45 -5.92 22.97
CA HIS A 31 23.42 -4.73 22.10
C HIS A 31 24.79 -4.07 22.01
N LEU A 32 25.76 -4.63 22.72
CA LEU A 32 27.10 -4.06 22.76
C LEU A 32 27.98 -4.47 21.59
N ASN A 33 29.00 -3.65 21.34
CA ASN A 33 29.98 -3.93 20.30
C ASN A 33 31.16 -4.55 21.05
N LEU A 34 32.26 -4.81 20.34
CA LEU A 34 33.43 -5.42 20.96
C LEU A 34 34.12 -4.51 21.97
N HIS A 35 33.70 -3.25 22.02
CA HIS A 35 34.30 -2.28 22.93
C HIS A 35 33.51 -2.04 24.21
N GLY A 36 32.44 -2.80 24.39
CA GLY A 36 31.63 -2.66 25.60
C GLY A 36 30.63 -1.52 25.59
N THR A 37 30.43 -0.88 24.45
CA THR A 37 29.47 0.21 24.34
C THR A 37 28.36 -0.15 23.35
N ALA A 38 27.24 0.55 23.43
CA ALA A 38 26.09 0.30 22.56
C ALA A 38 26.50 0.37 21.09
N HIS A 39 26.18 -0.71 20.37
CA HIS A 39 26.49 -0.82 18.95
C HIS A 39 25.73 0.27 18.19
N GLY A 40 26.40 0.88 17.21
CA GLY A 40 25.77 1.94 16.43
C GLY A 40 24.44 1.53 15.81
N GLY A 41 24.32 0.24 15.51
CA GLY A 41 23.09 -0.27 14.91
C GLY A 41 21.92 -0.29 15.87
N PHE A 42 22.20 -0.43 17.16
CA PHE A 42 21.12 -0.46 18.15
C PHE A 42 20.50 0.93 18.32
N LEU A 43 21.34 1.93 18.51
CA LEU A 43 20.83 3.29 18.67
C LEU A 43 20.10 3.72 17.40
N TYR A 44 20.59 3.28 16.25
CA TYR A 44 19.95 3.64 14.99
C TYR A 44 18.59 2.95 14.90
N ALA A 45 18.56 1.66 15.23
CA ALA A 45 17.31 0.89 15.19
C ALA A 45 16.25 1.55 16.07
N LEU A 46 16.67 2.03 17.24
CA LEU A 46 15.76 2.69 18.16
C LEU A 46 15.18 3.95 17.54
N ALA A 47 16.04 4.83 17.03
CA ALA A 47 15.59 6.08 16.42
C ALA A 47 14.76 5.80 15.17
N ASP A 48 15.21 4.85 14.37
CA ASP A 48 14.51 4.48 13.13
C ASP A 48 13.11 3.95 13.42
N SER A 49 12.96 3.28 14.56
CA SER A 49 11.67 2.73 14.96
C SER A 49 10.67 3.85 15.31
N ALA A 50 11.14 4.86 16.04
CA ALA A 50 10.27 5.99 16.39
C ALA A 50 9.87 6.68 15.09
N PHE A 51 10.83 6.75 14.17
CA PHE A 51 10.66 7.35 12.85
C PHE A 51 9.60 6.60 12.05
N ALA A 52 9.69 5.28 12.05
CA ALA A 52 8.75 4.43 11.33
C ALA A 52 7.31 4.63 11.83
N LEU A 53 7.16 4.63 13.15
CA LEU A 53 5.85 4.79 13.78
C LEU A 53 5.24 6.17 13.55
N ALA A 54 6.04 7.21 13.75
CA ALA A 54 5.55 8.57 13.55
C ALA A 54 5.14 8.81 12.11
N SER A 55 5.96 8.36 11.16
CA SER A 55 5.66 8.55 9.75
C SER A 55 4.44 7.77 9.28
N ASN A 56 4.23 6.58 9.82
CA ASN A 56 3.09 5.80 9.39
C ASN A 56 1.74 6.21 9.96
N THR A 57 1.73 7.22 10.83
CA THR A 57 0.48 7.73 11.38
C THR A 57 -0.20 8.53 10.27
N ARG A 58 0.58 8.85 9.23
CA ARG A 58 0.06 9.64 8.11
C ARG A 58 -0.38 8.76 6.94
N GLY A 59 -0.07 7.48 7.01
CA GLY A 59 -0.42 6.57 5.93
C GLY A 59 0.78 5.69 5.65
N PRO A 60 0.66 4.70 4.75
CA PRO A 60 1.78 3.82 4.42
C PRO A 60 3.04 4.56 3.97
N ALA A 61 4.14 4.31 4.67
CA ALA A 61 5.41 4.95 4.33
C ALA A 61 6.59 4.04 4.62
N VAL A 62 7.65 4.18 3.83
CA VAL A 62 8.87 3.39 4.02
C VAL A 62 10.09 4.30 4.10
N ALA A 63 11.12 3.86 4.81
CA ALA A 63 12.33 4.66 4.96
C ALA A 63 13.02 4.86 3.63
N LEU A 64 13.35 6.11 3.30
CA LEU A 64 14.02 6.44 2.05
C LEU A 64 15.49 6.81 2.29
N SER A 65 15.72 7.90 3.03
CA SER A 65 17.06 8.34 3.37
C SER A 65 17.13 8.82 4.82
N CYS A 66 18.10 8.25 5.55
CA CYS A 66 18.26 8.58 6.96
C CYS A 66 19.71 8.90 7.32
N ARG A 67 19.86 9.87 8.24
CA ARG A 67 21.17 10.21 8.77
C ARG A 67 21.21 9.99 10.28
N MET A 68 22.34 9.53 10.79
CA MET A 68 22.50 9.30 12.21
C MET A 68 23.81 9.95 12.65
N ASP A 69 23.70 10.88 13.59
CA ASP A 69 24.88 11.56 14.13
C ASP A 69 25.02 11.10 15.58
N TYR A 70 26.15 10.50 15.88
CA TYR A 70 26.45 9.97 17.22
C TYR A 70 27.24 10.97 18.05
N PHE A 71 26.76 11.25 19.27
CA PHE A 71 27.43 12.22 20.13
C PHE A 71 28.02 11.63 21.42
N ARG A 72 27.35 10.66 22.01
CA ARG A 72 27.80 10.06 23.26
C ARG A 72 27.67 8.55 23.29
N PRO A 73 28.69 7.86 23.80
CA PRO A 73 28.61 6.39 23.86
C PRO A 73 27.78 5.98 25.06
N LEU A 74 27.18 4.80 25.01
CA LEU A 74 26.37 4.31 26.13
C LEU A 74 26.79 2.89 26.47
N GLY A 75 26.67 2.54 27.75
CA GLY A 75 27.02 1.20 28.17
C GLY A 75 25.75 0.45 28.53
N ALA A 76 25.89 -0.85 28.80
CA ALA A 76 24.75 -1.67 29.17
C ALA A 76 24.07 -1.08 30.39
N GLY A 77 22.75 -1.19 30.43
CA GLY A 77 22.00 -0.67 31.56
C GLY A 77 21.39 0.69 31.30
N ALA A 78 21.96 1.43 30.34
CA ALA A 78 21.47 2.76 30.02
C ALA A 78 20.05 2.73 29.46
N ARG A 79 19.19 3.57 30.02
CA ARG A 79 17.81 3.69 29.57
C ARG A 79 17.84 4.73 28.46
N VAL A 80 17.16 4.42 27.35
CA VAL A 80 17.16 5.33 26.22
C VAL A 80 15.75 5.59 25.70
N GLU A 81 15.55 6.79 25.14
CA GLU A 81 14.28 7.20 24.57
C GLU A 81 14.53 7.91 23.24
N ALA A 82 13.69 7.62 22.25
CA ALA A 82 13.80 8.25 20.95
C ALA A 82 12.47 8.95 20.71
N ARG A 83 12.52 10.27 20.50
CA ARG A 83 11.33 11.04 20.25
C ARG A 83 11.36 11.59 18.83
N ALA A 84 10.39 11.17 18.02
CA ALA A 84 10.31 11.60 16.64
C ALA A 84 9.31 12.73 16.46
N VAL A 85 9.73 13.76 15.74
CA VAL A 85 8.86 14.90 15.45
C VAL A 85 8.90 15.18 13.95
N GLU A 86 7.74 15.53 13.42
CA GLU A 86 7.60 15.81 11.99
C GLU A 86 8.08 17.22 11.68
N VAL A 87 9.02 17.34 10.73
CA VAL A 87 9.53 18.65 10.35
C VAL A 87 8.96 19.08 9.01
N ASN A 88 8.51 18.11 8.21
CA ASN A 88 7.92 18.41 6.91
C ASN A 88 7.00 17.28 6.47
N LEU A 89 5.83 17.66 5.98
CA LEU A 89 4.86 16.69 5.48
C LEU A 89 4.43 17.10 4.09
N SER A 90 4.77 16.27 3.11
CA SER A 90 4.42 16.53 1.71
C SER A 90 3.57 15.37 1.22
N ARG A 91 3.03 15.50 0.02
CA ARG A 91 2.19 14.44 -0.53
C ARG A 91 2.98 13.16 -0.82
N ARG A 92 4.22 13.31 -1.28
CA ARG A 92 5.01 12.13 -1.62
C ARG A 92 6.12 11.75 -0.65
N THR A 93 6.46 12.67 0.24
CA THR A 93 7.51 12.41 1.22
C THR A 93 7.25 13.16 2.51
N ALA A 94 7.96 12.79 3.56
CA ALA A 94 7.85 13.43 4.87
C ALA A 94 9.20 13.27 5.56
N THR A 95 9.58 14.27 6.34
CA THR A 95 10.86 14.24 7.04
C THR A 95 10.68 14.42 8.54
N TYR A 96 11.43 13.64 9.31
CA TYR A 96 11.34 13.67 10.77
C TYR A 96 12.67 13.80 11.47
N ARG A 97 12.66 14.52 12.59
CA ARG A 97 13.85 14.66 13.41
C ARG A 97 13.61 13.73 14.58
N VAL A 98 14.59 12.91 14.91
CA VAL A 98 14.45 11.99 16.04
C VAL A 98 15.62 12.17 17.00
N GLU A 99 15.33 12.59 18.22
CA GLU A 99 16.37 12.78 19.21
C GLU A 99 16.48 11.55 20.10
N VAL A 100 17.69 11.05 20.27
CA VAL A 100 17.94 9.89 21.11
C VAL A 100 18.50 10.44 22.41
N VAL A 101 17.78 10.22 23.50
CA VAL A 101 18.17 10.75 24.79
C VAL A 101 18.30 9.71 25.90
N SER A 102 19.32 9.90 26.73
CA SER A 102 19.55 9.03 27.87
C SER A 102 19.90 9.92 29.06
N GLU A 103 19.09 9.81 30.11
CA GLU A 103 19.29 10.59 31.32
C GLU A 103 19.49 12.08 31.04
N GLY A 104 18.60 12.62 30.20
CA GLY A 104 18.67 14.03 29.87
C GLY A 104 19.75 14.47 28.89
N LYS A 105 20.57 13.54 28.43
CA LYS A 105 21.64 13.91 27.50
C LYS A 105 21.30 13.47 26.07
N LEU A 106 21.62 14.32 25.09
CA LEU A 106 21.37 13.99 23.70
C LEU A 106 22.49 13.05 23.22
N VAL A 107 22.16 11.76 23.14
CA VAL A 107 23.10 10.73 22.73
C VAL A 107 23.35 10.71 21.22
N ALA A 108 22.31 10.98 20.45
CA ALA A 108 22.43 10.98 19.00
C ALA A 108 21.29 11.75 18.36
N LEU A 109 21.50 12.17 17.12
CA LEU A 109 20.50 12.90 16.36
C LEU A 109 20.26 12.16 15.06
N PHE A 110 19.01 11.82 14.81
CA PHE A 110 18.61 11.07 13.62
C PHE A 110 17.71 11.97 12.77
N THR A 111 17.94 11.95 11.46
CA THR A 111 17.14 12.73 10.53
C THR A 111 16.68 11.77 9.45
N GLY A 112 15.38 11.66 9.24
CA GLY A 112 14.90 10.73 8.23
C GLY A 112 13.77 11.20 7.34
N THR A 113 13.79 10.71 6.11
CA THR A 113 12.77 11.04 5.14
C THR A 113 12.13 9.75 4.64
N VAL A 114 10.80 9.72 4.62
CA VAL A 114 10.10 8.54 4.14
C VAL A 114 9.50 8.83 2.78
N PHE A 115 9.17 7.75 2.08
CA PHE A 115 8.55 7.82 0.78
C PHE A 115 7.13 7.35 1.10
N ARG A 116 6.14 8.18 0.79
CA ARG A 116 4.74 7.83 1.08
C ARG A 116 4.13 7.04 -0.06
N LEU A 117 3.89 5.76 0.18
CA LEU A 117 3.33 4.87 -0.83
C LEU A 117 1.97 5.36 -1.33
N ARG B 2 35.18 38.34 7.00
CA ARG B 2 34.57 38.53 5.65
C ARG B 2 34.61 37.23 4.85
N ASP B 3 33.50 36.92 4.18
CA ASP B 3 33.42 35.71 3.37
C ASP B 3 33.09 36.07 1.92
N PRO B 4 34.08 35.94 1.02
CA PRO B 4 33.89 36.26 -0.40
C PRO B 4 32.70 35.59 -1.07
N PHE B 5 32.53 34.28 -0.86
CA PHE B 5 31.41 33.59 -1.50
C PHE B 5 30.08 34.10 -0.98
N MET B 6 29.99 34.34 0.33
CA MET B 6 28.75 34.85 0.89
C MET B 6 28.39 36.18 0.21
N GLU B 7 29.38 37.06 0.07
CA GLU B 7 29.14 38.35 -0.55
C GLU B 7 28.78 38.22 -2.02
N ALA B 8 29.39 37.26 -2.70
CA ALA B 8 29.10 37.04 -4.11
C ALA B 8 27.63 36.64 -4.27
N LEU B 9 27.11 35.91 -3.28
CA LEU B 9 25.72 35.46 -3.32
C LEU B 9 24.74 36.46 -2.71
N GLY B 10 25.27 37.59 -2.24
CA GLY B 10 24.43 38.61 -1.64
C GLY B 10 23.88 38.29 -0.27
N LEU B 11 24.53 37.34 0.41
CA LEU B 11 24.10 36.93 1.75
C LEU B 11 24.60 37.91 2.80
N LYS B 12 23.77 38.17 3.81
CA LYS B 12 24.12 39.11 4.88
C LYS B 12 24.05 38.44 6.24
N VAL B 13 24.99 38.75 7.11
CA VAL B 13 25.00 38.18 8.46
C VAL B 13 24.11 39.08 9.31
N LEU B 14 22.98 38.53 9.78
CA LEU B 14 22.06 39.30 10.61
C LEU B 14 22.40 39.20 12.09
N HIS B 15 23.03 38.10 12.47
CA HIS B 15 23.36 37.90 13.88
C HIS B 15 24.42 36.82 14.06
N LEU B 16 25.33 37.06 15.00
CA LEU B 16 26.39 36.12 15.29
C LEU B 16 26.61 36.14 16.79
N ALA B 17 26.54 34.97 17.41
CA ALA B 17 26.74 34.82 18.85
C ALA B 17 27.35 33.44 19.10
N PRO B 18 27.87 33.21 20.32
CA PRO B 18 28.47 31.90 20.63
C PRO B 18 27.60 30.71 20.21
N GLY B 19 28.12 29.91 19.28
CA GLY B 19 27.40 28.74 18.80
C GLY B 19 26.16 29.00 17.97
N GLU B 20 25.94 30.24 17.55
CA GLU B 20 24.75 30.58 16.77
C GLU B 20 25.00 31.62 15.68
N ALA B 21 24.19 31.57 14.63
CA ALA B 21 24.30 32.52 13.53
C ALA B 21 23.03 32.58 12.71
N VAL B 22 22.75 33.76 12.18
CA VAL B 22 21.59 33.98 11.32
C VAL B 22 22.09 34.72 10.08
N VAL B 23 21.87 34.11 8.93
CA VAL B 23 22.27 34.68 7.65
C VAL B 23 21.02 34.82 6.80
N ALA B 24 20.89 35.93 6.11
CA ALA B 24 19.73 36.17 5.27
C ALA B 24 20.13 36.61 3.86
N GLY B 25 19.20 36.42 2.93
CA GLY B 25 19.46 36.81 1.56
C GLY B 25 18.18 36.83 0.77
N GLU B 26 18.30 37.00 -0.53
CA GLU B 26 17.16 37.03 -1.42
C GLU B 26 17.52 36.22 -2.66
N VAL B 27 16.56 35.46 -3.19
CA VAL B 27 16.83 34.68 -4.37
C VAL B 27 16.85 35.64 -5.56
N ARG B 28 17.98 35.70 -6.26
CA ARG B 28 18.12 36.59 -7.40
C ARG B 28 18.10 35.78 -8.68
N ALA B 29 18.06 36.47 -9.82
CA ALA B 29 18.03 35.82 -11.12
C ALA B 29 19.22 34.88 -11.30
N ASP B 30 20.38 35.26 -10.76
CA ASP B 30 21.58 34.45 -10.90
C ASP B 30 21.66 33.24 -9.96
N HIS B 31 20.62 33.06 -9.16
CA HIS B 31 20.57 31.95 -8.20
C HIS B 31 19.60 30.86 -8.65
N LEU B 32 18.96 31.08 -9.80
CA LEU B 32 18.00 30.11 -10.30
C LEU B 32 18.63 28.95 -11.06
N ASN B 33 17.88 27.85 -11.16
CA ASN B 33 18.31 26.69 -11.91
C ASN B 33 17.56 26.78 -13.23
N LEU B 34 17.75 25.79 -14.10
CA LEU B 34 17.08 25.79 -15.39
C LEU B 34 15.56 25.81 -15.28
N HIS B 35 15.04 25.29 -14.17
CA HIS B 35 13.60 25.22 -13.96
C HIS B 35 12.97 26.51 -13.45
N GLY B 36 13.77 27.54 -13.24
CA GLY B 36 13.24 28.81 -12.78
C GLY B 36 13.08 28.96 -11.27
N THR B 37 13.58 27.99 -10.49
CA THR B 37 13.49 28.08 -9.04
C THR B 37 14.89 28.14 -8.45
N ALA B 38 14.98 28.52 -7.18
CA ALA B 38 16.28 28.62 -6.50
C ALA B 38 17.07 27.33 -6.63
N HIS B 39 18.30 27.44 -7.10
CA HIS B 39 19.20 26.30 -7.29
C HIS B 39 19.50 25.67 -5.93
N GLY B 40 19.55 24.35 -5.89
CA GLY B 40 19.83 23.66 -4.63
C GLY B 40 21.15 24.08 -4.02
N GLY B 41 22.08 24.52 -4.87
CA GLY B 41 23.39 24.94 -4.40
C GLY B 41 23.31 26.28 -3.67
N PHE B 42 22.38 27.13 -4.09
CA PHE B 42 22.21 28.42 -3.44
C PHE B 42 21.67 28.25 -2.02
N LEU B 43 20.60 27.46 -1.89
CA LEU B 43 20.01 27.24 -0.58
C LEU B 43 21.02 26.55 0.34
N TYR B 44 21.76 25.60 -0.19
CA TYR B 44 22.76 24.92 0.62
C TYR B 44 23.83 25.93 1.05
N ALA B 45 24.29 26.76 0.10
CA ALA B 45 25.33 27.75 0.41
C ALA B 45 24.88 28.65 1.55
N LEU B 46 23.60 29.02 1.55
CA LEU B 46 23.07 29.87 2.61
C LEU B 46 23.16 29.13 3.94
N ALA B 47 22.64 27.91 3.99
CA ALA B 47 22.68 27.12 5.21
C ALA B 47 24.12 26.89 5.67
N ASP B 48 24.96 26.50 4.72
CA ASP B 48 26.36 26.21 5.01
C ASP B 48 27.08 27.42 5.58
N SER B 49 26.71 28.61 5.11
CA SER B 49 27.32 29.84 5.60
C SER B 49 26.99 30.11 7.06
N ALA B 50 25.73 29.92 7.43
CA ALA B 50 25.32 30.13 8.83
C ALA B 50 26.04 29.09 9.70
N PHE B 51 26.12 27.88 9.16
CA PHE B 51 26.77 26.74 9.80
C PHE B 51 28.25 27.03 10.06
N ALA B 52 28.94 27.55 9.04
CA ALA B 52 30.35 27.87 9.15
C ALA B 52 30.60 28.96 10.20
N LEU B 53 29.79 30.00 10.18
CA LEU B 53 29.93 31.10 11.13
C LEU B 53 29.66 30.65 12.57
N ALA B 54 28.53 29.98 12.78
CA ALA B 54 28.18 29.50 14.12
C ALA B 54 29.26 28.58 14.68
N SER B 55 29.72 27.64 13.86
CA SER B 55 30.74 26.70 14.31
C SER B 55 32.08 27.37 14.63
N ASN B 56 32.47 28.38 13.86
CA ASN B 56 33.75 29.03 14.12
C ASN B 56 33.77 29.99 15.30
N THR B 57 32.63 30.21 15.94
CA THR B 57 32.59 31.09 17.12
C THR B 57 33.23 30.34 18.28
N ARG B 58 33.32 29.01 18.15
CA ARG B 58 33.90 28.16 19.17
C ARG B 58 35.39 27.96 18.94
N GLY B 59 35.88 28.44 17.81
CA GLY B 59 37.28 28.28 17.47
C GLY B 59 37.36 27.75 16.06
N PRO B 60 38.55 27.74 15.44
CA PRO B 60 38.66 27.25 14.06
C PRO B 60 38.10 25.84 13.86
N ALA B 61 37.24 25.70 12.87
CA ALA B 61 36.61 24.42 12.59
C ALA B 61 36.35 24.25 11.10
N VAL B 62 36.37 23.01 10.65
CA VAL B 62 36.12 22.72 9.24
C VAL B 62 35.02 21.68 9.11
N ALA B 63 34.20 21.83 8.08
CA ALA B 63 33.10 20.92 7.83
C ALA B 63 33.56 19.51 7.50
N LEU B 64 32.86 18.53 8.06
CA LEU B 64 33.16 17.12 7.80
C LEU B 64 32.05 16.53 6.95
N SER B 65 30.83 16.53 7.50
CA SER B 65 29.68 15.96 6.81
C SER B 65 28.44 16.83 7.00
N CYS B 66 27.73 17.09 5.91
CA CYS B 66 26.52 17.89 5.97
C CYS B 66 25.41 17.23 5.17
N ARG B 67 24.18 17.39 5.63
CA ARG B 67 23.01 16.83 4.97
C ARG B 67 22.06 17.99 4.68
N MET B 68 21.42 17.94 3.52
CA MET B 68 20.48 18.97 3.13
C MET B 68 19.19 18.31 2.65
N ASP B 69 18.09 18.61 3.32
CA ASP B 69 16.79 18.07 2.94
C ASP B 69 15.96 19.24 2.42
N TYR B 70 15.50 19.11 1.17
CA TYR B 70 14.70 20.15 0.50
C TYR B 70 13.20 19.90 0.61
N PHE B 71 12.45 20.91 1.03
CA PHE B 71 11.00 20.76 1.19
C PHE B 71 10.14 21.61 0.27
N ARG B 72 10.54 22.86 0.06
CA ARG B 72 9.75 23.77 -0.77
C ARG B 72 10.60 24.56 -1.77
N PRO B 73 10.12 24.67 -3.01
CA PRO B 73 10.90 25.43 -4.01
C PRO B 73 10.65 26.93 -3.79
N LEU B 74 11.61 27.74 -4.22
CA LEU B 74 11.48 29.19 -4.07
C LEU B 74 11.73 29.86 -5.42
N GLY B 75 11.04 30.97 -5.66
CA GLY B 75 11.22 31.70 -6.89
C GLY B 75 12.03 32.95 -6.65
N ALA B 76 12.42 33.61 -7.74
CA ALA B 76 13.19 34.84 -7.64
C ALA B 76 12.40 35.86 -6.83
N GLY B 77 13.11 36.65 -6.02
CA GLY B 77 12.46 37.65 -5.19
C GLY B 77 12.16 37.16 -3.79
N ALA B 78 12.15 35.85 -3.59
CA ALA B 78 11.86 35.29 -2.28
C ALA B 78 12.93 35.64 -1.26
N ARG B 79 12.50 36.13 -0.10
CA ARG B 79 13.42 36.47 0.97
C ARG B 79 13.65 35.20 1.77
N VAL B 80 14.89 34.90 2.09
CA VAL B 80 15.19 33.69 2.82
C VAL B 80 16.23 33.96 3.91
N GLU B 81 16.18 33.16 4.97
CA GLU B 81 17.11 33.29 6.08
C GLU B 81 17.38 31.91 6.66
N ALA B 82 18.57 31.74 7.22
CA ALA B 82 18.97 30.47 7.80
C ALA B 82 19.51 30.70 9.20
N ARG B 83 18.99 29.95 10.16
CA ARG B 83 19.47 30.08 11.53
C ARG B 83 20.17 28.80 11.94
N ALA B 84 21.43 28.93 12.34
CA ALA B 84 22.22 27.80 12.78
C ALA B 84 22.22 27.73 14.30
N VAL B 85 21.85 26.58 14.85
CA VAL B 85 21.84 26.37 16.29
C VAL B 85 22.70 25.16 16.60
N GLU B 86 23.46 25.25 17.69
CA GLU B 86 24.35 24.18 18.11
C GLU B 86 23.56 23.05 18.77
N VAL B 87 23.71 21.83 18.25
CA VAL B 87 22.99 20.68 18.78
C VAL B 87 23.88 19.84 19.69
N ASN B 88 25.18 19.85 19.40
CA ASN B 88 26.15 19.11 20.20
C ASN B 88 27.51 19.76 20.10
N LEU B 89 28.18 19.88 21.24
CA LEU B 89 29.52 20.47 21.27
C LEU B 89 30.45 19.54 22.04
N SER B 90 31.38 18.92 21.31
CA SER B 90 32.35 18.02 21.90
C SER B 90 33.71 18.70 21.82
N ARG B 91 34.75 18.05 22.33
CA ARG B 91 36.08 18.65 22.30
C ARG B 91 36.67 18.62 20.89
N ARG B 92 36.37 17.57 20.13
CA ARG B 92 36.91 17.42 18.79
C ARG B 92 35.92 17.66 17.65
N THR B 93 34.64 17.70 17.96
CA THR B 93 33.62 17.92 16.93
C THR B 93 32.43 18.67 17.48
N ALA B 94 31.58 19.16 16.58
CA ALA B 94 30.38 19.89 16.95
C ALA B 94 29.37 19.71 15.82
N THR B 95 28.10 19.66 16.18
CA THR B 95 27.04 19.45 15.19
C THR B 95 26.00 20.55 15.30
N TYR B 96 25.55 21.03 14.14
CA TYR B 96 24.57 22.11 14.10
C TYR B 96 23.34 21.83 13.25
N ARG B 97 22.21 22.40 13.67
CA ARG B 97 20.96 22.27 12.94
C ARG B 97 20.76 23.64 12.30
N VAL B 98 20.50 23.66 10.99
CA VAL B 98 20.27 24.92 10.30
C VAL B 98 18.94 24.86 9.58
N GLU B 99 18.00 25.69 10.03
CA GLU B 99 16.69 25.76 9.41
C GLU B 99 16.68 26.86 8.36
N VAL B 100 16.27 26.52 7.15
CA VAL B 100 16.20 27.51 6.09
C VAL B 100 14.72 27.88 5.96
N VAL B 101 14.39 29.14 6.16
CA VAL B 101 13.00 29.55 6.12
C VAL B 101 12.71 30.75 5.23
N SER B 102 11.47 30.81 4.77
CA SER B 102 11.02 31.92 3.94
C SER B 102 9.57 32.17 4.34
N GLU B 103 9.28 33.39 4.78
CA GLU B 103 7.94 33.77 5.19
C GLU B 103 7.36 32.79 6.22
N GLY B 104 8.15 32.48 7.23
CA GLY B 104 7.70 31.57 8.28
C GLY B 104 7.58 30.09 7.97
N LYS B 105 7.91 29.68 6.75
CA LYS B 105 7.81 28.27 6.40
C LYS B 105 9.18 27.63 6.23
N LEU B 106 9.31 26.38 6.68
CA LEU B 106 10.58 25.67 6.57
C LEU B 106 10.78 25.21 5.12
N VAL B 107 11.74 25.84 4.45
CA VAL B 107 12.06 25.53 3.05
C VAL B 107 13.03 24.36 2.93
N ALA B 108 13.92 24.24 3.90
CA ALA B 108 14.89 23.15 3.89
C ALA B 108 15.48 22.99 5.28
N LEU B 109 16.03 21.81 5.53
CA LEU B 109 16.66 21.52 6.81
C LEU B 109 18.08 21.05 6.53
N PHE B 110 19.04 21.67 7.19
CA PHE B 110 20.44 21.36 7.04
C PHE B 110 21.01 20.87 8.37
N THR B 111 21.83 19.81 8.32
CA THR B 111 22.46 19.26 9.51
C THR B 111 23.95 19.13 9.19
N GLY B 112 24.79 19.68 10.04
CA GLY B 112 26.21 19.61 9.76
C GLY B 112 27.11 19.38 10.96
N THR B 113 28.20 18.66 10.72
CA THR B 113 29.16 18.37 11.77
C THR B 113 30.53 18.88 11.34
N VAL B 114 31.24 19.51 12.26
CA VAL B 114 32.57 20.04 11.99
C VAL B 114 33.62 19.34 12.84
N PHE B 115 34.87 19.48 12.41
CA PHE B 115 36.01 18.93 13.12
C PHE B 115 36.64 20.18 13.73
N ARG B 116 36.80 20.21 15.05
CA ARG B 116 37.36 21.37 15.71
C ARG B 116 38.88 21.30 15.78
N LEU B 117 39.55 22.24 15.12
CA LEU B 117 41.01 22.24 15.13
C LEU B 117 41.54 22.64 16.51
N ASP C 3 31.56 -9.92 18.73
CA ASP C 3 30.64 -8.75 18.83
C ASP C 3 29.25 -9.25 19.24
N PRO C 4 28.83 -8.93 20.46
CA PRO C 4 27.51 -9.36 20.97
C PRO C 4 26.32 -9.04 20.06
N PHE C 5 26.24 -7.82 19.57
CA PHE C 5 25.11 -7.45 18.72
C PHE C 5 25.14 -8.21 17.38
N MET C 6 26.33 -8.36 16.81
CA MET C 6 26.45 -9.10 15.55
C MET C 6 25.98 -10.54 15.74
N GLU C 7 26.40 -11.15 16.84
CA GLU C 7 25.99 -12.53 17.13
C GLU C 7 24.49 -12.62 17.34
N ALA C 8 23.93 -11.64 18.04
CA ALA C 8 22.49 -11.64 18.30
C ALA C 8 21.70 -11.55 16.99
N LEU C 9 22.22 -10.79 16.03
CA LEU C 9 21.56 -10.62 14.74
C LEU C 9 21.92 -11.72 13.75
N GLY C 10 22.78 -12.64 14.17
CA GLY C 10 23.19 -13.74 13.31
C GLY C 10 24.09 -13.35 12.15
N LEU C 11 24.85 -12.28 12.32
CA LEU C 11 25.75 -11.80 11.27
C LEU C 11 27.09 -12.52 11.34
N LYS C 12 27.69 -12.73 10.17
CA LYS C 12 28.98 -13.42 10.09
C LYS C 12 29.97 -12.61 9.26
N VAL C 13 31.21 -12.53 9.73
CA VAL C 13 32.25 -11.82 8.99
C VAL C 13 32.78 -12.79 7.94
N LEU C 14 32.77 -12.36 6.68
CA LEU C 14 33.22 -13.21 5.58
C LEU C 14 34.61 -12.83 5.11
N HIS C 15 34.93 -11.56 5.21
CA HIS C 15 36.22 -11.09 4.71
C HIS C 15 36.67 -9.85 5.49
N LEU C 16 37.96 -9.78 5.76
CA LEU C 16 38.52 -8.64 6.48
C LEU C 16 39.93 -8.42 5.97
N ALA C 17 40.18 -7.22 5.48
CA ALA C 17 41.49 -6.85 4.95
C ALA C 17 41.69 -5.37 5.20
N PRO C 18 42.90 -4.86 4.96
CA PRO C 18 43.17 -3.43 5.19
C PRO C 18 42.12 -2.51 4.55
N GLY C 19 41.40 -1.79 5.40
CA GLY C 19 40.38 -0.87 4.93
C GLY C 19 39.14 -1.49 4.31
N GLU C 20 38.89 -2.76 4.54
CA GLU C 20 37.70 -3.37 3.97
C GLU C 20 37.15 -4.53 4.78
N ALA C 21 35.85 -4.79 4.60
CA ALA C 21 35.22 -5.88 5.32
C ALA C 21 33.92 -6.25 4.64
N VAL C 22 33.57 -7.53 4.74
CA VAL C 22 32.34 -8.04 4.16
C VAL C 22 31.64 -8.85 5.24
N VAL C 23 30.40 -8.52 5.49
CA VAL C 23 29.60 -9.20 6.51
C VAL C 23 28.33 -9.73 5.85
N ALA C 24 27.89 -10.91 6.27
CA ALA C 24 26.68 -11.50 5.70
C ALA C 24 25.69 -11.89 6.78
N GLY C 25 24.42 -11.98 6.37
CA GLY C 25 23.37 -12.36 7.28
C GLY C 25 22.16 -12.79 6.50
N GLU C 26 21.10 -13.14 7.22
CA GLU C 26 19.87 -13.56 6.59
C GLU C 26 18.73 -12.90 7.34
N VAL C 27 17.72 -12.45 6.60
CA VAL C 27 16.57 -11.81 7.23
C VAL C 27 15.69 -12.89 7.86
N ARG C 28 15.60 -12.86 9.19
CA ARG C 28 14.78 -13.83 9.91
C ARG C 28 13.46 -13.17 10.31
N ALA C 29 12.53 -13.98 10.82
CA ALA C 29 11.23 -13.47 11.23
C ALA C 29 11.33 -12.35 12.26
N ASP C 30 12.36 -12.41 13.11
CA ASP C 30 12.55 -11.40 14.14
C ASP C 30 13.27 -10.14 13.64
N HIS C 31 13.47 -10.04 12.33
CA HIS C 31 14.13 -8.89 11.73
C HIS C 31 13.20 -8.07 10.87
N LEU C 32 11.92 -8.43 10.88
CA LEU C 32 10.92 -7.72 10.09
C LEU C 32 10.36 -6.53 10.85
N ASN C 33 9.83 -5.56 10.11
CA ASN C 33 9.24 -4.38 10.71
C ASN C 33 7.71 -4.53 10.70
N LEU C 34 7.01 -3.44 11.03
CA LEU C 34 5.55 -3.45 11.07
C LEU C 34 4.92 -3.78 9.72
N HIS C 35 5.67 -3.61 8.64
CA HIS C 35 5.16 -3.91 7.30
C HIS C 35 5.43 -5.34 6.86
N GLY C 36 6.19 -6.08 7.65
CA GLY C 36 6.49 -7.44 7.27
C GLY C 36 7.69 -7.53 6.34
N THR C 37 8.47 -6.46 6.25
CA THR C 37 9.66 -6.44 5.41
C THR C 37 10.88 -6.25 6.32
N ALA C 38 12.07 -6.47 5.78
CA ALA C 38 13.29 -6.31 6.57
C ALA C 38 13.34 -4.93 7.18
N HIS C 39 13.45 -4.87 8.50
CA HIS C 39 13.49 -3.59 9.21
C HIS C 39 14.70 -2.75 8.78
N GLY C 40 14.47 -1.46 8.55
CA GLY C 40 15.55 -0.58 8.14
C GLY C 40 16.69 -0.57 9.14
N GLY C 41 16.38 -0.84 10.40
CA GLY C 41 17.41 -0.87 11.43
C GLY C 41 18.26 -2.12 11.36
N PHE C 42 17.70 -3.19 10.80
CA PHE C 42 18.45 -4.43 10.65
C PHE C 42 19.45 -4.28 9.51
N LEU C 43 18.98 -3.75 8.39
CA LEU C 43 19.85 -3.52 7.23
C LEU C 43 20.96 -2.55 7.63
N TYR C 44 20.60 -1.53 8.41
CA TYR C 44 21.61 -0.57 8.85
C TYR C 44 22.63 -1.23 9.77
N ALA C 45 22.15 -2.06 10.70
CA ALA C 45 23.05 -2.74 11.63
C ALA C 45 24.05 -3.59 10.86
N LEU C 46 23.58 -4.22 9.79
CA LEU C 46 24.45 -5.05 8.95
C LEU C 46 25.52 -4.18 8.29
N ALA C 47 25.10 -3.11 7.63
CA ALA C 47 26.03 -2.19 6.97
C ALA C 47 26.98 -1.58 7.99
N ASP C 48 26.43 -1.16 9.14
CA ASP C 48 27.22 -0.54 10.19
C ASP C 48 28.28 -1.49 10.75
N SER C 49 27.96 -2.78 10.78
CA SER C 49 28.92 -3.77 11.26
C SER C 49 30.13 -3.88 10.36
N ALA C 50 29.91 -3.90 9.04
CA ALA C 50 31.00 -3.99 8.09
C ALA C 50 31.82 -2.69 8.15
N PHE C 51 31.10 -1.58 8.31
CA PHE C 51 31.68 -0.26 8.42
C PHE C 51 32.61 -0.19 9.64
N ALA C 52 32.15 -0.74 10.76
CA ALA C 52 32.93 -0.74 11.99
C ALA C 52 34.18 -1.60 11.85
N LEU C 53 34.03 -2.80 11.30
CA LEU C 53 35.15 -3.70 11.10
C LEU C 53 36.19 -3.11 10.15
N ALA C 54 35.72 -2.58 9.02
CA ALA C 54 36.62 -2.00 8.04
C ALA C 54 37.43 -0.84 8.61
N SER C 55 36.76 0.05 9.32
CA SER C 55 37.46 1.20 9.89
C SER C 55 38.45 0.79 10.98
N ASN C 56 38.09 -0.23 11.75
CA ASN C 56 38.96 -0.68 12.83
C ASN C 56 40.23 -1.36 12.36
N THR C 57 40.33 -1.69 11.07
CA THR C 57 41.55 -2.30 10.57
C THR C 57 42.63 -1.22 10.51
N ARG C 58 42.23 0.04 10.63
CA ARG C 58 43.17 1.16 10.59
C ARG C 58 43.54 1.65 11.99
N GLY C 59 42.88 1.11 13.00
CA GLY C 59 43.14 1.53 14.36
C GLY C 59 41.83 1.89 15.02
N PRO C 60 41.82 2.21 16.32
CA PRO C 60 40.58 2.55 17.02
C PRO C 60 39.88 3.77 16.43
N ALA C 61 38.58 3.68 16.25
CA ALA C 61 37.82 4.78 15.68
C ALA C 61 36.38 4.75 16.19
N VAL C 62 35.75 5.92 16.22
CA VAL C 62 34.37 6.04 16.66
C VAL C 62 33.54 6.67 15.55
N ALA C 63 32.36 6.12 15.31
CA ALA C 63 31.47 6.63 14.28
C ALA C 63 30.95 8.03 14.60
N LEU C 64 30.94 8.90 13.60
CA LEU C 64 30.45 10.26 13.81
C LEU C 64 29.09 10.42 13.12
N SER C 65 29.10 10.26 11.80
CA SER C 65 27.89 10.43 11.00
C SER C 65 27.74 9.34 9.96
N CYS C 66 26.55 8.78 9.85
CA CYS C 66 26.27 7.74 8.87
C CYS C 66 24.98 8.04 8.14
N ARG C 67 24.93 7.64 6.88
CA ARG C 67 23.76 7.83 6.04
C ARG C 67 23.36 6.49 5.44
N MET C 68 22.05 6.27 5.34
CA MET C 68 21.55 5.05 4.76
C MET C 68 20.44 5.39 3.77
N ASP C 69 20.59 4.93 2.53
CA ASP C 69 19.59 5.15 1.49
C ASP C 69 19.03 3.78 1.13
N TYR C 70 17.71 3.65 1.20
CA TYR C 70 17.04 2.36 0.93
C TYR C 70 16.44 2.28 -0.47
N PHE C 71 16.83 1.26 -1.23
CA PHE C 71 16.34 1.11 -2.60
C PHE C 71 15.33 0.00 -2.86
N ARG C 72 15.50 -1.13 -2.19
CA ARG C 72 14.62 -2.27 -2.41
C ARG C 72 14.28 -2.96 -1.10
N PRO C 73 13.00 -3.35 -0.93
CA PRO C 73 12.59 -4.03 0.30
C PRO C 73 12.98 -5.51 0.24
N LEU C 74 13.11 -6.15 1.39
CA LEU C 74 13.45 -7.56 1.45
C LEU C 74 12.49 -8.28 2.39
N GLY C 75 12.26 -9.56 2.12
CA GLY C 75 11.37 -10.33 2.98
C GLY C 75 12.17 -11.36 3.76
N ALA C 76 11.49 -12.03 4.68
CA ALA C 76 12.15 -13.04 5.50
C ALA C 76 12.77 -14.10 4.59
N GLY C 77 13.95 -14.58 4.96
CA GLY C 77 14.63 -15.59 4.17
C GLY C 77 15.67 -15.02 3.23
N ALA C 78 15.58 -13.72 2.93
CA ALA C 78 16.54 -13.10 2.01
C ALA C 78 17.96 -13.12 2.56
N ARG C 79 18.90 -13.53 1.71
CA ARG C 79 20.30 -13.55 2.09
C ARG C 79 20.82 -12.16 1.79
N VAL C 80 21.51 -11.54 2.74
CA VAL C 80 22.02 -10.20 2.54
C VAL C 80 23.49 -10.09 2.91
N GLU C 81 24.17 -9.17 2.26
CA GLU C 81 25.59 -8.97 2.48
C GLU C 81 25.93 -7.47 2.44
N ALA C 82 26.87 -7.07 3.29
CA ALA C 82 27.32 -5.69 3.34
C ALA C 82 28.79 -5.67 2.96
N ARG C 83 29.14 -4.88 1.96
CA ARG C 83 30.51 -4.78 1.46
C ARG C 83 31.05 -3.39 1.75
N ALA C 84 32.04 -3.29 2.64
CA ALA C 84 32.62 -2.01 3.01
C ALA C 84 33.94 -1.72 2.32
N VAL C 85 34.05 -0.52 1.77
CA VAL C 85 35.26 -0.07 1.11
C VAL C 85 35.61 1.33 1.60
N GLU C 86 36.91 1.57 1.75
CA GLU C 86 37.42 2.85 2.22
C GLU C 86 37.43 3.88 1.09
N VAL C 87 36.78 5.01 1.33
CA VAL C 87 36.67 6.10 0.36
C VAL C 87 37.70 7.21 0.65
N ASN C 88 37.99 7.42 1.93
CA ASN C 88 38.97 8.43 2.33
C ASN C 88 39.57 8.06 3.66
N LEU C 89 40.89 8.24 3.78
CA LEU C 89 41.59 7.97 5.03
C LEU C 89 42.51 9.14 5.36
N SER C 90 42.25 9.79 6.48
CA SER C 90 43.09 10.90 6.90
C SER C 90 43.58 10.57 8.30
N ARG C 91 44.43 11.43 8.86
CA ARG C 91 44.96 11.20 10.20
C ARG C 91 43.92 11.15 11.30
N ARG C 92 42.90 11.99 11.21
CA ARG C 92 41.87 12.05 12.25
C ARG C 92 40.49 11.52 11.86
N THR C 93 40.28 11.25 10.58
CA THR C 93 38.98 10.74 10.13
C THR C 93 39.11 9.76 8.97
N ALA C 94 38.02 9.05 8.70
CA ALA C 94 37.98 8.09 7.62
C ALA C 94 36.53 7.93 7.20
N THR C 95 36.31 7.73 5.90
CA THR C 95 34.95 7.58 5.39
C THR C 95 34.88 6.32 4.56
N TYR C 96 33.78 5.59 4.73
CA TYR C 96 33.56 4.34 4.02
C TYR C 96 32.22 4.26 3.35
N ARG C 97 32.19 3.55 2.23
CA ARG C 97 30.96 3.33 1.50
C ARG C 97 30.65 1.86 1.73
N VAL C 98 29.41 1.54 2.06
CA VAL C 98 29.02 0.17 2.30
C VAL C 98 27.78 -0.14 1.48
N GLU C 99 27.92 -1.08 0.55
CA GLU C 99 26.82 -1.50 -0.29
C GLU C 99 26.12 -2.71 0.34
N VAL C 100 24.80 -2.65 0.47
CA VAL C 100 24.05 -3.77 1.01
C VAL C 100 23.42 -4.43 -0.20
N VAL C 101 23.78 -5.70 -0.44
CA VAL C 101 23.30 -6.41 -1.61
C VAL C 101 22.60 -7.74 -1.30
N SER C 102 21.65 -8.11 -2.14
CA SER C 102 20.94 -9.36 -2.00
C SER C 102 20.65 -9.92 -3.38
N GLU C 103 21.17 -11.10 -3.67
CA GLU C 103 20.99 -11.76 -4.95
C GLU C 103 21.30 -10.87 -6.15
N GLY C 104 22.44 -10.21 -6.11
CA GLY C 104 22.86 -9.35 -7.22
C GLY C 104 22.19 -7.99 -7.32
N LYS C 105 21.32 -7.65 -6.37
CA LYS C 105 20.63 -6.38 -6.39
C LYS C 105 21.12 -5.47 -5.27
N LEU C 106 21.24 -4.17 -5.55
CA LEU C 106 21.66 -3.22 -4.54
C LEU C 106 20.45 -2.86 -3.71
N VAL C 107 20.44 -3.34 -2.47
CA VAL C 107 19.33 -3.11 -1.55
C VAL C 107 19.38 -1.77 -0.87
N ALA C 108 20.58 -1.33 -0.50
CA ALA C 108 20.76 -0.06 0.17
C ALA C 108 22.20 0.42 0.08
N LEU C 109 22.40 1.71 0.27
CA LEU C 109 23.73 2.31 0.21
C LEU C 109 23.95 3.04 1.53
N PHE C 110 25.08 2.73 2.17
CA PHE C 110 25.45 3.33 3.45
C PHE C 110 26.75 4.12 3.23
N THR C 111 26.82 5.28 3.88
CA THR C 111 28.02 6.13 3.81
C THR C 111 28.31 6.52 5.25
N GLY C 112 29.51 6.22 5.73
CA GLY C 112 29.83 6.55 7.10
C GLY C 112 31.22 7.12 7.32
N THR C 113 31.31 8.02 8.30
CA THR C 113 32.56 8.67 8.64
C THR C 113 32.86 8.44 10.11
N VAL C 114 34.13 8.16 10.43
CA VAL C 114 34.54 7.92 11.80
C VAL C 114 35.60 8.93 12.21
N PHE C 115 35.81 9.02 13.52
CA PHE C 115 36.84 9.88 14.07
C PHE C 115 37.88 8.88 14.53
N ARG C 116 39.12 9.05 14.09
CA ARG C 116 40.18 8.12 14.46
C ARG C 116 40.84 8.52 15.77
N LEU C 117 40.85 7.59 16.72
CA LEU C 117 41.45 7.82 18.02
C LEU C 117 42.95 7.56 18.02
N ASP D 3 21.52 27.21 -17.24
CA ASP D 3 21.36 27.27 -15.76
C ASP D 3 22.06 28.52 -15.22
N PRO D 4 21.27 29.54 -14.83
CA PRO D 4 21.79 30.80 -14.30
C PRO D 4 22.86 30.68 -13.22
N PHE D 5 22.62 29.84 -12.22
CA PHE D 5 23.57 29.68 -11.11
C PHE D 5 24.88 29.05 -11.58
N MET D 6 24.80 28.07 -12.48
CA MET D 6 26.02 27.43 -12.98
C MET D 6 26.86 28.45 -13.72
N GLU D 7 26.20 29.28 -14.53
CA GLU D 7 26.89 30.32 -15.29
C GLU D 7 27.49 31.35 -14.35
N ALA D 8 26.74 31.72 -13.32
CA ALA D 8 27.23 32.69 -12.36
C ALA D 8 28.51 32.17 -11.69
N LEU D 9 28.55 30.87 -11.43
CA LEU D 9 29.71 30.26 -10.77
C LEU D 9 30.82 29.88 -11.76
N GLY D 10 30.57 30.11 -13.05
CA GLY D 10 31.56 29.80 -14.06
C GLY D 10 31.75 28.31 -14.30
N LEU D 11 30.72 27.53 -14.01
CA LEU D 11 30.80 26.08 -14.19
C LEU D 11 30.56 25.67 -15.65
N LYS D 12 31.24 24.60 -16.07
CA LYS D 12 31.12 24.09 -17.44
C LYS D 12 30.74 22.62 -17.43
N VAL D 13 29.90 22.21 -18.39
CA VAL D 13 29.49 20.81 -18.48
C VAL D 13 30.47 20.12 -19.45
N LEU D 14 31.23 19.17 -18.92
CA LEU D 14 32.20 18.46 -19.74
C LEU D 14 31.65 17.19 -20.37
N HIS D 15 30.71 16.55 -19.68
CA HIS D 15 30.12 15.31 -20.17
C HIS D 15 28.69 15.17 -19.67
N LEU D 16 27.85 14.58 -20.51
CA LEU D 16 26.46 14.35 -20.17
C LEU D 16 25.96 13.13 -20.92
N ALA D 17 25.49 12.14 -20.18
CA ALA D 17 24.98 10.90 -20.76
C ALA D 17 23.88 10.36 -19.87
N PRO D 18 23.13 9.36 -20.34
CA PRO D 18 22.06 8.81 -19.50
C PRO D 18 22.56 8.42 -18.11
N GLY D 19 22.02 9.07 -17.09
CA GLY D 19 22.40 8.77 -15.73
C GLY D 19 23.76 9.29 -15.26
N GLU D 20 24.41 10.13 -16.06
CA GLU D 20 25.71 10.65 -15.66
C GLU D 20 26.03 12.02 -16.19
N ALA D 21 26.94 12.70 -15.50
CA ALA D 21 27.35 14.04 -15.91
C ALA D 21 28.64 14.44 -15.21
N VAL D 22 29.41 15.29 -15.87
CA VAL D 22 30.64 15.80 -15.30
C VAL D 22 30.61 17.31 -15.48
N VAL D 23 30.75 18.02 -14.37
CA VAL D 23 30.75 19.48 -14.38
C VAL D 23 32.10 19.94 -13.86
N ALA D 24 32.68 20.96 -14.48
CA ALA D 24 33.97 21.45 -14.05
C ALA D 24 33.94 22.94 -13.73
N GLY D 25 34.89 23.39 -12.94
CA GLY D 25 34.98 24.79 -12.58
C GLY D 25 36.32 25.06 -11.94
N GLU D 26 36.62 26.33 -11.71
CA GLU D 26 37.87 26.69 -11.06
C GLU D 26 37.53 27.56 -9.86
N VAL D 27 38.23 27.33 -8.76
CA VAL D 27 38.00 28.11 -7.55
C VAL D 27 38.55 29.52 -7.79
N ARG D 28 37.66 30.50 -7.83
CA ARG D 28 38.05 31.89 -8.03
C ARG D 28 38.09 32.58 -6.68
N ALA D 29 38.58 33.82 -6.68
CA ALA D 29 38.68 34.59 -5.44
C ALA D 29 37.33 34.79 -4.78
N ASP D 30 36.26 34.87 -5.57
CA ASP D 30 34.93 35.06 -5.01
C ASP D 30 34.26 33.75 -4.62
N HIS D 31 35.03 32.66 -4.61
CA HIS D 31 34.52 31.35 -4.24
C HIS D 31 35.12 30.87 -2.92
N LEU D 32 35.89 31.73 -2.28
CA LEU D 32 36.54 31.40 -1.01
C LEU D 32 35.70 31.71 0.21
N ASN D 33 36.00 31.04 1.31
CA ASN D 33 35.30 31.26 2.57
C ASN D 33 36.17 32.20 3.41
N LEU D 34 35.78 32.38 4.67
CA LEU D 34 36.51 33.26 5.58
C LEU D 34 37.94 32.79 5.85
N HIS D 35 38.21 31.51 5.60
CA HIS D 35 39.53 30.93 5.85
C HIS D 35 40.48 31.03 4.66
N GLY D 36 39.98 31.46 3.51
CA GLY D 36 40.83 31.56 2.34
C GLY D 36 40.85 30.29 1.52
N THR D 37 39.96 29.36 1.81
CA THR D 37 39.89 28.12 1.05
C THR D 37 38.55 28.05 0.33
N ALA D 38 38.42 27.11 -0.60
CA ALA D 38 37.18 26.96 -1.34
C ALA D 38 36.02 26.81 -0.37
N HIS D 39 35.00 27.65 -0.55
CA HIS D 39 33.83 27.62 0.32
C HIS D 39 33.10 26.28 0.15
N GLY D 40 32.65 25.70 1.25
CA GLY D 40 31.96 24.42 1.18
C GLY D 40 30.72 24.50 0.29
N GLY D 41 30.13 25.68 0.21
CA GLY D 41 28.95 25.89 -0.61
C GLY D 41 29.30 25.89 -2.09
N PHE D 42 30.51 26.30 -2.44
CA PHE D 42 30.90 26.31 -3.85
C PHE D 42 31.13 24.86 -4.30
N LEU D 43 31.85 24.09 -3.48
CA LEU D 43 32.10 22.69 -3.82
C LEU D 43 30.79 21.93 -3.90
N TYR D 44 29.85 22.27 -3.01
CA TYR D 44 28.56 21.61 -3.02
C TYR D 44 27.78 22.00 -4.27
N ALA D 45 27.79 23.29 -4.59
CA ALA D 45 27.07 23.77 -5.78
C ALA D 45 27.55 23.04 -7.03
N LEU D 46 28.84 22.75 -7.07
CA LEU D 46 29.43 22.05 -8.21
C LEU D 46 28.91 20.61 -8.28
N ALA D 47 28.96 19.91 -7.15
CA ALA D 47 28.48 18.53 -7.09
C ALA D 47 26.98 18.48 -7.35
N ASP D 48 26.25 19.42 -6.74
CA ASP D 48 24.80 19.47 -6.89
C ASP D 48 24.39 19.72 -8.34
N SER D 49 25.20 20.47 -9.07
CA SER D 49 24.92 20.75 -10.47
C SER D 49 25.09 19.48 -11.33
N ALA D 50 26.15 18.72 -11.08
CA ALA D 50 26.37 17.49 -11.83
C ALA D 50 25.22 16.53 -11.48
N PHE D 51 24.86 16.53 -10.20
CA PHE D 51 23.75 15.71 -9.68
C PHE D 51 22.46 16.07 -10.42
N ALA D 52 22.16 17.36 -10.51
CA ALA D 52 20.95 17.82 -11.19
C ALA D 52 20.93 17.43 -12.67
N LEU D 53 22.06 17.63 -13.34
CA LEU D 53 22.14 17.30 -14.77
C LEU D 53 22.00 15.80 -15.00
N ALA D 54 22.72 15.01 -14.22
CA ALA D 54 22.65 13.56 -14.35
C ALA D 54 21.24 13.03 -14.11
N SER D 55 20.58 13.50 -13.06
CA SER D 55 19.24 13.02 -12.75
C SER D 55 18.18 13.48 -13.76
N ASN D 56 18.36 14.66 -14.34
CA ASN D 56 17.38 15.12 -15.32
C ASN D 56 17.48 14.43 -16.67
N THR D 57 18.53 13.64 -16.88
CA THR D 57 18.66 12.91 -18.14
C THR D 57 17.59 11.82 -18.17
N ARG D 58 17.02 11.52 -17.01
CA ARG D 58 16.00 10.50 -16.88
C ARG D 58 14.59 11.11 -16.89
N GLY D 59 14.54 12.43 -16.94
CA GLY D 59 13.25 13.11 -16.94
C GLY D 59 13.20 14.09 -15.78
N PRO D 60 12.10 14.85 -15.65
CA PRO D 60 11.96 15.82 -14.56
C PRO D 60 12.07 15.18 -13.18
N ALA D 61 12.84 15.82 -12.31
CA ALA D 61 13.04 15.30 -10.95
C ALA D 61 13.33 16.44 -9.99
N VAL D 62 13.05 16.21 -8.72
CA VAL D 62 13.31 17.21 -7.68
C VAL D 62 14.16 16.59 -6.59
N ALA D 63 15.22 17.30 -6.21
CA ALA D 63 16.11 16.81 -5.17
C ALA D 63 15.37 16.69 -3.84
N LEU D 64 15.64 15.61 -3.11
CA LEU D 64 15.03 15.36 -1.82
C LEU D 64 16.05 15.52 -0.70
N SER D 65 17.08 14.68 -0.72
CA SER D 65 18.11 14.72 0.31
C SER D 65 19.50 14.51 -0.27
N CYS D 66 20.45 15.35 0.15
CA CYS D 66 21.82 15.24 -0.31
C CYS D 66 22.78 15.27 0.89
N ARG D 67 23.89 14.56 0.76
CA ARG D 67 24.90 14.52 1.79
C ARG D 67 26.21 14.93 1.14
N MET D 68 27.00 15.70 1.86
CA MET D 68 28.29 16.15 1.37
C MET D 68 29.36 15.87 2.41
N ASP D 69 30.34 15.04 2.04
CA ASP D 69 31.43 14.72 2.94
C ASP D 69 32.71 15.38 2.40
N TYR D 70 33.32 16.23 3.21
CA TYR D 70 34.53 16.97 2.83
C TYR D 70 35.80 16.28 3.31
N PHE D 71 36.75 16.07 2.38
CA PHE D 71 38.00 15.39 2.73
C PHE D 71 39.25 16.27 2.69
N ARG D 72 39.33 17.17 1.72
CA ARG D 72 40.50 18.01 1.57
C ARG D 72 40.12 19.45 1.19
N PRO D 73 40.88 20.44 1.69
CA PRO D 73 40.58 21.83 1.36
C PRO D 73 41.23 22.18 0.03
N LEU D 74 40.72 23.23 -0.62
CA LEU D 74 41.27 23.68 -1.90
C LEU D 74 41.52 25.18 -1.85
N GLY D 75 42.54 25.64 -2.58
CA GLY D 75 42.84 27.06 -2.60
C GLY D 75 42.43 27.70 -3.92
N ALA D 76 42.50 29.03 -3.97
CA ALA D 76 42.15 29.75 -5.18
C ALA D 76 42.99 29.23 -6.33
N GLY D 77 42.35 29.06 -7.49
CA GLY D 77 43.06 28.59 -8.67
C GLY D 77 42.93 27.10 -8.93
N ALA D 78 42.43 26.36 -7.95
CA ALA D 78 42.28 24.92 -8.12
C ALA D 78 41.24 24.56 -9.17
N ARG D 79 41.60 23.62 -10.04
CA ARG D 79 40.69 23.13 -11.08
C ARG D 79 39.93 22.01 -10.42
N VAL D 80 38.60 22.09 -10.46
CA VAL D 80 37.78 21.06 -9.82
C VAL D 80 36.74 20.46 -10.76
N GLU D 81 36.42 19.19 -10.53
CA GLU D 81 35.43 18.48 -11.33
C GLU D 81 34.48 17.70 -10.42
N ALA D 82 33.22 17.64 -10.83
CA ALA D 82 32.21 16.89 -10.09
C ALA D 82 31.77 15.81 -11.07
N ARG D 83 32.01 14.55 -10.72
CA ARG D 83 31.66 13.43 -11.58
C ARG D 83 30.52 12.63 -10.98
N ALA D 84 29.33 12.76 -11.56
CA ALA D 84 28.15 12.08 -11.06
C ALA D 84 27.80 10.79 -11.81
N VAL D 85 27.49 9.75 -11.05
CA VAL D 85 27.11 8.47 -11.60
C VAL D 85 25.86 7.97 -10.88
N GLU D 86 24.99 7.32 -11.63
CA GLU D 86 23.75 6.80 -11.07
C GLU D 86 24.02 5.51 -10.30
N VAL D 87 23.58 5.46 -9.05
CA VAL D 87 23.78 4.24 -8.26
C VAL D 87 22.48 3.45 -8.15
N ASN D 88 21.36 4.12 -8.34
CA ASN D 88 20.05 3.46 -8.31
C ASN D 88 19.00 4.24 -9.06
N LEU D 89 18.12 3.50 -9.72
CA LEU D 89 17.04 4.11 -10.48
C LEU D 89 15.77 3.30 -10.31
N SER D 90 14.71 3.97 -9.86
CA SER D 90 13.42 3.31 -9.67
C SER D 90 12.39 4.16 -10.41
N ARG D 91 11.16 3.70 -10.43
CA ARG D 91 10.10 4.43 -11.11
C ARG D 91 9.94 5.87 -10.62
N ARG D 92 10.00 6.06 -9.31
CA ARG D 92 9.81 7.39 -8.74
C ARG D 92 10.98 8.00 -7.98
N THR D 93 12.13 7.33 -7.98
CA THR D 93 13.31 7.86 -7.29
C THR D 93 14.58 7.50 -8.05
N ALA D 94 15.67 8.17 -7.71
CA ALA D 94 16.96 7.90 -8.31
C ALA D 94 18.00 8.44 -7.34
N THR D 95 19.12 7.74 -7.22
CA THR D 95 20.17 8.17 -6.31
C THR D 95 21.48 8.23 -7.05
N TYR D 96 22.26 9.28 -6.75
CA TYR D 96 23.54 9.48 -7.41
C TYR D 96 24.71 9.70 -6.48
N ARG D 97 25.88 9.23 -6.91
CA ARG D 97 27.12 9.42 -6.18
C ARG D 97 27.90 10.42 -7.02
N VAL D 98 28.37 11.49 -6.40
CA VAL D 98 29.13 12.49 -7.13
C VAL D 98 30.46 12.69 -6.44
N GLU D 99 31.54 12.36 -7.15
CA GLU D 99 32.88 12.54 -6.62
C GLU D 99 33.39 13.91 -7.05
N VAL D 100 33.90 14.69 -6.10
CA VAL D 100 34.44 16.01 -6.40
C VAL D 100 35.96 15.84 -6.34
N VAL D 101 36.62 16.05 -7.47
CA VAL D 101 38.06 15.86 -7.54
C VAL D 101 38.82 17.07 -8.07
N SER D 102 40.06 17.20 -7.64
CA SER D 102 40.93 18.29 -8.06
C SER D 102 42.36 17.79 -8.09
N GLU D 103 43.01 17.94 -9.23
CA GLU D 103 44.38 17.49 -9.42
C GLU D 103 44.65 16.09 -8.88
N GLY D 104 43.79 15.14 -9.24
CA GLY D 104 43.96 13.77 -8.81
C GLY D 104 43.57 13.39 -7.40
N LYS D 105 43.03 14.33 -6.63
CA LYS D 105 42.63 14.02 -5.26
C LYS D 105 41.12 14.06 -5.09
N LEU D 106 40.59 13.15 -4.25
CA LEU D 106 39.16 13.13 -3.98
C LEU D 106 38.97 14.17 -2.87
N VAL D 107 38.42 15.32 -3.26
CA VAL D 107 38.20 16.43 -2.34
C VAL D 107 36.93 16.28 -1.51
N ALA D 108 35.92 15.68 -2.09
CA ALA D 108 34.66 15.48 -1.39
C ALA D 108 33.80 14.43 -2.09
N LEU D 109 32.86 13.88 -1.34
CA LEU D 109 31.93 12.87 -1.85
C LEU D 109 30.53 13.36 -1.58
N PHE D 110 29.71 13.38 -2.63
CA PHE D 110 28.32 13.83 -2.56
C PHE D 110 27.41 12.64 -2.87
N THR D 111 26.31 12.53 -2.14
CA THR D 111 25.34 11.46 -2.34
C THR D 111 23.99 12.15 -2.34
N GLY D 112 23.20 11.92 -3.38
CA GLY D 112 21.90 12.58 -3.45
C GLY D 112 20.79 11.74 -4.07
N THR D 113 19.58 11.99 -3.62
CA THR D 113 18.41 11.29 -4.10
C THR D 113 17.35 12.27 -4.57
N VAL D 114 16.70 11.94 -5.68
CA VAL D 114 15.65 12.78 -6.23
C VAL D 114 14.35 11.99 -6.31
N PHE D 115 13.25 12.73 -6.45
CA PHE D 115 11.94 12.11 -6.63
C PHE D 115 11.68 12.39 -8.11
N ARG D 116 11.40 11.34 -8.87
CA ARG D 116 11.15 11.49 -10.30
C ARG D 116 9.71 11.86 -10.59
N LEU D 117 9.52 13.02 -11.21
CA LEU D 117 8.19 13.53 -11.55
C LEU D 117 7.67 12.90 -12.84
N ASP E 3 -47.06 -11.86 -17.08
CA ASP E 3 -45.84 -12.71 -17.01
C ASP E 3 -46.23 -14.18 -16.96
N PRO E 4 -46.04 -14.90 -18.08
CA PRO E 4 -46.37 -16.33 -18.25
C PRO E 4 -45.82 -17.26 -17.16
N PHE E 5 -44.54 -17.09 -16.80
CA PHE E 5 -43.92 -17.95 -15.80
C PHE E 5 -44.54 -17.71 -14.41
N MET E 6 -44.80 -16.45 -14.07
CA MET E 6 -45.40 -16.15 -12.78
C MET E 6 -46.74 -16.86 -12.65
N GLU E 7 -47.52 -16.87 -13.72
CA GLU E 7 -48.83 -17.53 -13.72
C GLU E 7 -48.67 -19.05 -13.56
N ALA E 8 -47.69 -19.61 -14.26
CA ALA E 8 -47.42 -21.05 -14.20
C ALA E 8 -47.08 -21.46 -12.76
N LEU E 9 -46.32 -20.61 -12.07
CA LEU E 9 -45.91 -20.87 -10.70
C LEU E 9 -47.04 -20.63 -9.69
N GLY E 10 -48.14 -20.03 -10.17
CA GLY E 10 -49.27 -19.75 -9.30
C GLY E 10 -49.05 -18.54 -8.42
N LEU E 11 -48.19 -17.63 -8.87
CA LEU E 11 -47.89 -16.42 -8.09
C LEU E 11 -48.91 -15.32 -8.29
N LYS E 12 -49.11 -14.50 -7.26
CA LYS E 12 -50.05 -13.39 -7.32
C LYS E 12 -49.40 -12.10 -6.82
N VAL E 13 -49.75 -10.99 -7.47
CA VAL E 13 -49.21 -9.67 -7.10
C VAL E 13 -50.11 -9.05 -6.04
N LEU E 14 -49.55 -8.79 -4.87
CA LEU E 14 -50.31 -8.21 -3.77
C LEU E 14 -50.16 -6.69 -3.67
N HIS E 15 -49.01 -6.19 -4.09
CA HIS E 15 -48.75 -4.77 -4.03
C HIS E 15 -47.74 -4.34 -5.08
N LEU E 16 -47.98 -3.17 -5.67
CA LEU E 16 -47.10 -2.62 -6.68
C LEU E 16 -47.12 -1.11 -6.59
N ALA E 17 -45.94 -0.50 -6.62
CA ALA E 17 -45.81 0.95 -6.53
C ALA E 17 -44.44 1.31 -7.08
N PRO E 18 -44.18 2.60 -7.32
CA PRO E 18 -42.87 3.00 -7.83
C PRO E 18 -41.72 2.40 -7.02
N GLY E 19 -40.90 1.59 -7.69
CA GLY E 19 -39.74 0.98 -7.04
C GLY E 19 -40.00 -0.14 -6.03
N GLU E 20 -41.23 -0.64 -5.97
CA GLU E 20 -41.54 -1.70 -5.01
C GLU E 20 -42.63 -2.65 -5.46
N ALA E 21 -42.62 -3.85 -4.91
CA ALA E 21 -43.61 -4.85 -5.26
C ALA E 21 -43.62 -6.00 -4.26
N VAL E 22 -44.78 -6.60 -4.09
CA VAL E 22 -44.95 -7.73 -3.20
C VAL E 22 -45.66 -8.80 -4.02
N VAL E 23 -45.04 -9.98 -4.09
CA VAL E 23 -45.58 -11.12 -4.82
C VAL E 23 -45.77 -12.27 -3.85
N ALA E 24 -46.92 -12.94 -3.92
CA ALA E 24 -47.21 -14.05 -3.04
C ALA E 24 -47.44 -15.34 -3.81
N GLY E 25 -47.29 -16.45 -3.11
CA GLY E 25 -47.50 -17.75 -3.71
C GLY E 25 -47.54 -18.80 -2.63
N GLU E 26 -47.83 -20.03 -3.03
CA GLU E 26 -47.89 -21.13 -2.09
C GLU E 26 -46.96 -22.23 -2.61
N VAL E 27 -46.32 -22.94 -1.69
CA VAL E 27 -45.43 -24.01 -2.11
C VAL E 27 -46.26 -25.24 -2.44
N ARG E 28 -46.49 -25.45 -3.74
CA ARG E 28 -47.26 -26.60 -4.18
C ARG E 28 -46.36 -27.83 -4.27
N ALA E 29 -46.97 -28.99 -4.47
CA ALA E 29 -46.22 -30.24 -4.58
C ALA E 29 -45.21 -30.17 -5.73
N ASP E 30 -45.55 -29.44 -6.78
CA ASP E 30 -44.67 -29.33 -7.94
C ASP E 30 -43.52 -28.35 -7.75
N HIS E 31 -43.46 -27.74 -6.57
CA HIS E 31 -42.41 -26.77 -6.26
C HIS E 31 -41.37 -27.37 -5.34
N LEU E 32 -41.53 -28.64 -5.02
CA LEU E 32 -40.61 -29.33 -4.12
C LEU E 32 -39.38 -29.90 -4.84
N ASN E 33 -38.30 -30.08 -4.09
CA ASN E 33 -37.08 -30.66 -4.62
C ASN E 33 -37.09 -32.13 -4.23
N LEU E 34 -36.04 -32.86 -4.59
CA LEU E 34 -35.96 -34.28 -4.26
C LEU E 34 -35.82 -34.53 -2.76
N HIS E 35 -35.70 -33.46 -1.98
CA HIS E 35 -35.58 -33.58 -0.52
C HIS E 35 -36.93 -33.37 0.17
N GLY E 36 -37.91 -32.89 -0.59
CA GLY E 36 -39.22 -32.66 -0.01
C GLY E 36 -39.45 -31.25 0.51
N THR E 37 -38.54 -30.35 0.20
CA THR E 37 -38.67 -28.96 0.64
C THR E 37 -38.76 -28.07 -0.60
N ALA E 38 -39.16 -26.82 -0.41
CA ALA E 38 -39.27 -25.90 -1.53
C ALA E 38 -37.97 -25.85 -2.30
N HIS E 39 -38.05 -26.07 -3.60
CA HIS E 39 -36.89 -26.05 -4.48
C HIS E 39 -36.27 -24.65 -4.50
N GLY E 40 -34.94 -24.58 -4.44
CA GLY E 40 -34.26 -23.30 -4.45
C GLY E 40 -34.63 -22.46 -5.67
N GLY E 41 -34.98 -23.13 -6.76
CA GLY E 41 -35.36 -22.43 -7.97
C GLY E 41 -36.72 -21.76 -7.83
N PHE E 42 -37.61 -22.36 -7.05
CA PHE E 42 -38.94 -21.78 -6.87
C PHE E 42 -38.88 -20.51 -6.04
N LEU E 43 -38.14 -20.58 -4.93
CA LEU E 43 -38.00 -19.43 -4.05
C LEU E 43 -37.30 -18.29 -4.77
N TYR E 44 -36.34 -18.63 -5.63
CA TYR E 44 -35.63 -17.60 -6.38
C TYR E 44 -36.55 -16.99 -7.43
N ALA E 45 -37.32 -17.83 -8.10
CA ALA E 45 -38.25 -17.35 -9.13
C ALA E 45 -39.24 -16.37 -8.51
N LEU E 46 -39.69 -16.67 -7.30
CA LEU E 46 -40.63 -15.82 -6.58
C LEU E 46 -39.99 -14.45 -6.33
N ALA E 47 -38.82 -14.46 -5.68
CA ALA E 47 -38.10 -13.23 -5.39
C ALA E 47 -37.79 -12.47 -6.67
N ASP E 48 -37.29 -13.19 -7.68
CA ASP E 48 -36.94 -12.59 -8.96
C ASP E 48 -38.14 -11.93 -9.64
N SER E 49 -39.33 -12.48 -9.42
CA SER E 49 -40.54 -11.91 -10.00
C SER E 49 -40.89 -10.57 -9.34
N ALA E 50 -40.81 -10.53 -8.01
CA ALA E 50 -41.09 -9.29 -7.28
C ALA E 50 -40.07 -8.25 -7.73
N PHE E 51 -38.85 -8.73 -7.94
CA PHE E 51 -37.71 -7.93 -8.39
C PHE E 51 -37.98 -7.35 -9.78
N ALA E 52 -38.49 -8.19 -10.68
CA ALA E 52 -38.81 -7.75 -12.03
C ALA E 52 -39.90 -6.69 -12.07
N LEU E 53 -40.95 -6.89 -11.28
CA LEU E 53 -42.06 -5.94 -11.25
C LEU E 53 -41.63 -4.59 -10.66
N ALA E 54 -40.95 -4.63 -9.51
CA ALA E 54 -40.50 -3.42 -8.86
C ALA E 54 -39.58 -2.61 -9.78
N SER E 55 -38.62 -3.28 -10.39
CA SER E 55 -37.67 -2.60 -11.27
C SER E 55 -38.33 -2.03 -12.51
N ASN E 56 -39.29 -2.76 -13.07
CA ASN E 56 -39.95 -2.29 -14.28
C ASN E 56 -40.98 -1.18 -14.08
N THR E 57 -41.16 -0.74 -12.83
CA THR E 57 -42.08 0.36 -12.56
C THR E 57 -41.34 1.64 -12.96
N ARG E 58 -40.02 1.52 -13.11
CA ARG E 58 -39.18 2.66 -13.48
C ARG E 58 -38.96 2.69 -14.98
N GLY E 59 -39.51 1.70 -15.67
CA GLY E 59 -39.34 1.62 -17.11
C GLY E 59 -38.73 0.27 -17.44
N PRO E 60 -38.62 -0.09 -18.72
CA PRO E 60 -38.04 -1.38 -19.12
C PRO E 60 -36.66 -1.65 -18.53
N ALA E 61 -36.51 -2.83 -17.93
CA ALA E 61 -35.23 -3.23 -17.33
C ALA E 61 -35.13 -4.75 -17.30
N VAL E 62 -33.91 -5.25 -17.42
CA VAL E 62 -33.69 -6.69 -17.40
C VAL E 62 -32.66 -7.08 -16.34
N ALA E 63 -32.85 -8.24 -15.73
CA ALA E 63 -31.94 -8.71 -14.69
C ALA E 63 -30.51 -8.84 -15.23
N LEU E 64 -29.55 -8.36 -14.45
CA LEU E 64 -28.15 -8.43 -14.85
C LEU E 64 -27.39 -9.36 -13.91
N SER E 65 -27.45 -9.08 -12.61
CA SER E 65 -26.78 -9.89 -11.61
C SER E 65 -27.64 -10.03 -10.36
N CYS E 66 -27.86 -11.26 -9.93
CA CYS E 66 -28.68 -11.51 -8.75
C CYS E 66 -28.02 -12.49 -7.79
N ARG E 67 -28.26 -12.27 -6.50
CA ARG E 67 -27.73 -13.12 -5.45
C ARG E 67 -28.90 -13.63 -4.61
N MET E 68 -28.82 -14.88 -4.18
CA MET E 68 -29.85 -15.48 -3.37
C MET E 68 -29.21 -16.17 -2.17
N ASP E 69 -29.59 -15.73 -0.97
CA ASP E 69 -29.07 -16.30 0.27
C ASP E 69 -30.22 -17.03 0.97
N TYR E 70 -30.06 -18.34 1.11
CA TYR E 70 -31.07 -19.19 1.73
C TYR E 70 -30.87 -19.37 3.23
N PHE E 71 -31.91 -19.13 4.03
CA PHE E 71 -31.79 -19.25 5.48
C PHE E 71 -32.59 -20.38 6.10
N ARG E 72 -33.79 -20.61 5.60
CA ARG E 72 -34.69 -21.64 6.13
C ARG E 72 -35.42 -22.42 5.05
N PRO E 73 -35.68 -23.71 5.28
CA PRO E 73 -36.39 -24.51 4.28
C PRO E 73 -37.89 -24.35 4.49
N LEU E 74 -38.67 -24.61 3.45
CA LEU E 74 -40.13 -24.52 3.53
C LEU E 74 -40.74 -25.82 3.06
N GLY E 75 -41.88 -26.18 3.64
CA GLY E 75 -42.55 -27.41 3.25
C GLY E 75 -43.74 -27.14 2.36
N ALA E 76 -44.32 -28.21 1.80
CA ALA E 76 -45.47 -28.05 0.92
C ALA E 76 -46.62 -27.39 1.68
N GLY E 77 -47.32 -26.48 1.01
CA GLY E 77 -48.44 -25.80 1.64
C GLY E 77 -48.06 -24.47 2.24
N ALA E 78 -46.78 -24.24 2.42
CA ALA E 78 -46.30 -23.00 3.01
C ALA E 78 -46.65 -21.77 2.18
N ARG E 79 -47.22 -20.76 2.83
CA ARG E 79 -47.57 -19.52 2.17
C ARG E 79 -46.30 -18.68 2.20
N VAL E 80 -45.95 -18.09 1.07
CA VAL E 80 -44.73 -17.29 0.99
C VAL E 80 -44.93 -15.99 0.24
N GLU E 81 -44.17 -14.97 0.62
CA GLU E 81 -44.24 -13.65 0.00
C GLU E 81 -42.84 -13.13 -0.29
N ALA E 82 -42.70 -12.40 -1.38
CA ALA E 82 -41.43 -11.78 -1.76
C ALA E 82 -41.67 -10.27 -1.70
N ARG E 83 -40.97 -9.59 -0.82
CA ARG E 83 -41.13 -8.15 -0.66
C ARG E 83 -39.92 -7.41 -1.19
N ALA E 84 -40.08 -6.77 -2.33
CA ALA E 84 -39.00 -6.05 -2.99
C ALA E 84 -39.00 -4.55 -2.75
N VAL E 85 -37.82 -4.01 -2.47
CA VAL E 85 -37.66 -2.58 -2.25
C VAL E 85 -36.42 -2.10 -3.00
N GLU E 86 -36.50 -0.87 -3.49
CA GLU E 86 -35.41 -0.26 -4.26
C GLU E 86 -34.29 0.23 -3.34
N VAL E 87 -33.06 -0.18 -3.65
CA VAL E 87 -31.91 0.22 -2.85
C VAL E 87 -31.18 1.39 -3.53
N ASN E 88 -31.09 1.31 -4.85
CA ASN E 88 -30.43 2.35 -5.63
C ASN E 88 -31.05 2.47 -7.00
N LEU E 89 -31.16 3.69 -7.48
CA LEU E 89 -31.72 3.94 -8.80
C LEU E 89 -30.76 4.87 -9.53
N SER E 90 -30.13 4.35 -10.58
CA SER E 90 -29.20 5.13 -11.37
C SER E 90 -29.75 5.26 -12.78
N ARG E 91 -29.01 5.98 -13.62
CA ARG E 91 -29.40 6.22 -15.00
C ARG E 91 -29.60 4.92 -15.78
N ARG E 92 -28.55 4.10 -15.83
CA ARG E 92 -28.62 2.85 -16.57
C ARG E 92 -28.77 1.57 -15.76
N THR E 93 -28.75 1.70 -14.44
CA THR E 93 -28.89 0.52 -13.57
C THR E 93 -29.68 0.83 -12.31
N ALA E 94 -30.12 -0.23 -11.62
CA ALA E 94 -30.88 -0.09 -10.38
C ALA E 94 -30.70 -1.38 -9.57
N THR E 95 -30.71 -1.25 -8.25
CA THR E 95 -30.52 -2.42 -7.39
C THR E 95 -31.66 -2.54 -6.38
N TYR E 96 -32.11 -3.78 -6.16
CA TYR E 96 -33.20 -4.06 -5.25
C TYR E 96 -32.92 -5.16 -4.24
N ARG E 97 -33.55 -5.05 -3.08
CA ARG E 97 -33.43 -6.05 -2.03
C ARG E 97 -34.81 -6.69 -1.92
N VAL E 98 -34.85 -8.01 -1.97
CA VAL E 98 -36.12 -8.71 -1.87
C VAL E 98 -36.09 -9.72 -0.73
N GLU E 99 -36.96 -9.52 0.25
CA GLU E 99 -37.05 -10.42 1.39
C GLU E 99 -38.12 -11.48 1.12
N VAL E 100 -37.74 -12.74 1.26
CA VAL E 100 -38.67 -13.84 1.06
C VAL E 100 -39.10 -14.28 2.45
N VAL E 101 -40.37 -14.07 2.75
CA VAL E 101 -40.88 -14.42 4.07
C VAL E 101 -42.04 -15.40 4.04
N SER E 102 -42.13 -16.19 5.09
CA SER E 102 -43.20 -17.17 5.22
C SER E 102 -43.58 -17.27 6.69
N GLU E 103 -44.85 -17.03 6.98
CA GLU E 103 -45.36 -17.10 8.35
C GLU E 103 -44.48 -16.38 9.38
N GLY E 104 -44.15 -15.13 9.10
CA GLY E 104 -43.35 -14.35 10.02
C GLY E 104 -41.85 -14.55 10.07
N LYS E 105 -41.31 -15.45 9.26
CA LYS E 105 -39.86 -15.66 9.28
C LYS E 105 -39.19 -15.34 7.95
N LEU E 106 -37.95 -14.86 8.02
CA LEU E 106 -37.19 -14.53 6.82
C LEU E 106 -36.60 -15.83 6.29
N VAL E 107 -37.09 -16.29 5.14
CA VAL E 107 -36.66 -17.53 4.52
C VAL E 107 -35.42 -17.37 3.65
N ALA E 108 -35.32 -16.22 2.99
CA ALA E 108 -34.18 -15.96 2.12
C ALA E 108 -34.08 -14.47 1.80
N LEU E 109 -32.89 -14.06 1.39
CA LEU E 109 -32.62 -12.69 1.03
C LEU E 109 -32.12 -12.69 -0.41
N PHE E 110 -32.78 -11.92 -1.25
CA PHE E 110 -32.44 -11.80 -2.66
C PHE E 110 -31.94 -10.39 -2.91
N THR E 111 -30.83 -10.27 -3.62
CA THR E 111 -30.23 -8.98 -3.95
C THR E 111 -29.99 -8.97 -5.45
N GLY E 112 -30.59 -8.02 -6.16
CA GLY E 112 -30.41 -7.98 -7.60
C GLY E 112 -30.25 -6.62 -8.25
N THR E 113 -29.56 -6.60 -9.38
CA THR E 113 -29.33 -5.38 -10.13
C THR E 113 -29.80 -5.55 -11.57
N VAL E 114 -30.47 -4.53 -12.08
CA VAL E 114 -30.99 -4.56 -13.45
C VAL E 114 -30.25 -3.58 -14.32
N PHE E 115 -30.37 -3.77 -15.62
CA PHE E 115 -29.79 -2.89 -16.62
C PHE E 115 -31.03 -2.22 -17.20
N ARG E 116 -31.11 -0.90 -17.08
CA ARG E 116 -32.25 -0.16 -17.57
C ARG E 116 -32.16 0.12 -19.07
N LEU E 117 -33.13 -0.40 -19.81
CA LEU E 117 -33.17 -0.21 -21.26
C LEU E 117 -33.82 1.14 -21.60
N ASP F 3 -6.88 -5.92 14.51
CA ASP F 3 -6.87 -6.25 13.05
C ASP F 3 -5.86 -5.37 12.32
N PRO F 4 -4.71 -5.95 11.93
CA PRO F 4 -3.64 -5.25 11.22
C PRO F 4 -4.04 -4.51 9.94
N PHE F 5 -4.82 -5.16 9.07
CA PHE F 5 -5.22 -4.52 7.82
C PHE F 5 -6.10 -3.31 8.07
N MET F 6 -7.01 -3.42 9.02
CA MET F 6 -7.87 -2.29 9.35
C MET F 6 -6.99 -1.12 9.77
N GLU F 7 -5.98 -1.40 10.59
CA GLU F 7 -5.07 -0.36 11.06
C GLU F 7 -4.28 0.24 9.89
N ALA F 8 -3.82 -0.61 8.97
CA ALA F 8 -3.06 -0.15 7.82
C ALA F 8 -3.91 0.75 6.93
N LEU F 9 -5.21 0.43 6.84
CA LEU F 9 -6.13 1.22 6.02
C LEU F 9 -6.58 2.50 6.73
N GLY F 10 -6.29 2.59 8.02
CA GLY F 10 -6.66 3.76 8.79
C GLY F 10 -8.12 3.76 9.21
N LEU F 11 -8.71 2.58 9.27
CA LEU F 11 -10.11 2.45 9.67
C LEU F 11 -10.28 2.58 11.18
N LYS F 12 -11.44 3.07 11.59
CA LYS F 12 -11.72 3.23 13.01
C LYS F 12 -13.08 2.65 13.37
N VAL F 13 -13.15 1.92 14.47
CA VAL F 13 -14.41 1.33 14.93
C VAL F 13 -15.16 2.41 15.70
N LEU F 14 -16.36 2.73 15.25
CA LEU F 14 -17.16 3.76 15.91
C LEU F 14 -18.22 3.18 16.83
N HIS F 15 -18.74 2.02 16.47
CA HIS F 15 -19.80 1.41 17.26
C HIS F 15 -19.73 -0.11 17.15
N LEU F 16 -19.89 -0.79 18.29
CA LEU F 16 -19.85 -2.24 18.33
C LEU F 16 -20.84 -2.74 19.38
N ALA F 17 -21.77 -3.59 18.94
CA ALA F 17 -22.77 -4.16 19.82
C ALA F 17 -23.16 -5.52 19.26
N PRO F 18 -23.94 -6.31 20.01
CA PRO F 18 -24.36 -7.63 19.55
C PRO F 18 -24.90 -7.65 18.12
N GLY F 19 -24.19 -8.35 17.24
CA GLY F 19 -24.60 -8.46 15.84
C GLY F 19 -24.53 -7.21 15.00
N GLU F 20 -23.88 -6.16 15.50
CA GLU F 20 -23.78 -4.92 14.74
C GLU F 20 -22.45 -4.22 14.93
N ALA F 21 -22.05 -3.47 13.91
CA ALA F 21 -20.80 -2.73 13.97
C ALA F 21 -20.77 -1.62 12.94
N VAL F 22 -20.13 -0.51 13.30
CA VAL F 22 -19.98 0.63 12.42
C VAL F 22 -18.51 0.99 12.38
N VAL F 23 -17.95 0.98 11.18
CA VAL F 23 -16.54 1.30 10.97
C VAL F 23 -16.43 2.52 10.05
N ALA F 24 -15.49 3.40 10.34
CA ALA F 24 -15.32 4.60 9.53
C ALA F 24 -13.90 4.74 8.99
N GLY F 25 -13.80 5.48 7.90
CA GLY F 25 -12.49 5.70 7.29
C GLY F 25 -12.53 6.94 6.43
N GLU F 26 -11.40 7.24 5.80
CA GLU F 26 -11.29 8.40 4.94
C GLU F 26 -10.57 7.93 3.69
N VAL F 27 -10.96 8.46 2.55
CA VAL F 27 -10.32 8.08 1.29
C VAL F 27 -9.02 8.86 1.13
N ARG F 28 -7.94 8.29 1.65
CA ARG F 28 -6.62 8.91 1.56
C ARG F 28 -6.12 8.79 0.12
N ALA F 29 -5.03 9.48 -0.18
CA ALA F 29 -4.45 9.43 -1.53
C ALA F 29 -4.06 7.99 -1.88
N ASP F 30 -3.64 7.22 -0.88
CA ASP F 30 -3.22 5.84 -1.12
C ASP F 30 -4.39 4.87 -1.31
N HIS F 31 -5.62 5.37 -1.24
CA HIS F 31 -6.80 4.53 -1.39
C HIS F 31 -7.44 4.71 -2.76
N LEU F 32 -6.83 5.55 -3.59
CA LEU F 32 -7.36 5.82 -4.92
C LEU F 32 -6.94 4.77 -5.97
N ASN F 33 -7.72 4.67 -7.04
CA ASN F 33 -7.41 3.74 -8.12
C ASN F 33 -6.82 4.53 -9.27
N LEU F 34 -6.59 3.85 -10.40
CA LEU F 34 -6.01 4.51 -11.57
C LEU F 34 -6.92 5.58 -12.18
N HIS F 35 -8.18 5.61 -11.75
CA HIS F 35 -9.14 6.58 -12.27
C HIS F 35 -9.28 7.80 -11.34
N GLY F 36 -8.55 7.80 -10.23
CA GLY F 36 -8.62 8.91 -9.30
C GLY F 36 -9.78 8.89 -8.33
N THR F 37 -10.44 7.74 -8.21
CA THR F 37 -11.56 7.59 -7.28
C THR F 37 -11.23 6.50 -6.28
N ALA F 38 -12.01 6.43 -5.20
CA ALA F 38 -11.80 5.42 -4.16
C ALA F 38 -11.76 4.05 -4.81
N HIS F 39 -10.66 3.32 -4.58
CA HIS F 39 -10.50 1.99 -5.15
C HIS F 39 -11.62 1.06 -4.66
N GLY F 40 -12.16 0.25 -5.56
CA GLY F 40 -13.23 -0.67 -5.19
C GLY F 40 -12.83 -1.61 -4.06
N GLY F 41 -11.53 -1.92 -3.99
CA GLY F 41 -11.03 -2.81 -2.95
C GLY F 41 -10.99 -2.15 -1.59
N PHE F 42 -10.85 -0.83 -1.58
CA PHE F 42 -10.82 -0.08 -0.33
C PHE F 42 -12.24 -0.03 0.25
N LEU F 43 -13.22 0.23 -0.60
CA LEU F 43 -14.60 0.30 -0.14
C LEU F 43 -15.04 -1.07 0.35
N TYR F 44 -14.65 -2.12 -0.37
CA TYR F 44 -15.00 -3.48 0.03
C TYR F 44 -14.33 -3.81 1.36
N ALA F 45 -13.05 -3.47 1.48
CA ALA F 45 -12.32 -3.74 2.71
C ALA F 45 -13.01 -3.06 3.90
N LEU F 46 -13.46 -1.83 3.70
CA LEU F 46 -14.17 -1.10 4.75
C LEU F 46 -15.43 -1.85 5.17
N ALA F 47 -16.27 -2.20 4.19
CA ALA F 47 -17.51 -2.92 4.49
C ALA F 47 -17.22 -4.28 5.10
N ASP F 48 -16.24 -4.98 4.54
CA ASP F 48 -15.85 -6.30 5.02
C ASP F 48 -15.38 -6.26 6.47
N SER F 49 -14.77 -5.14 6.87
CA SER F 49 -14.29 -5.00 8.24
C SER F 49 -15.45 -4.86 9.23
N ALA F 50 -16.46 -4.08 8.87
CA ALA F 50 -17.62 -3.91 9.74
C ALA F 50 -18.32 -5.27 9.83
N PHE F 51 -18.30 -5.98 8.70
CA PHE F 51 -18.87 -7.32 8.56
C PHE F 51 -18.16 -8.27 9.52
N ALA F 52 -16.84 -8.19 9.54
CA ALA F 52 -16.02 -9.04 10.41
C ALA F 52 -16.31 -8.78 11.89
N LEU F 53 -16.34 -7.51 12.27
CA LEU F 53 -16.59 -7.15 13.66
C LEU F 53 -18.00 -7.50 14.12
N ALA F 54 -18.99 -7.21 13.29
CA ALA F 54 -20.36 -7.52 13.64
C ALA F 54 -20.58 -9.03 13.80
N SER F 55 -20.08 -9.80 12.84
CA SER F 55 -20.24 -11.24 12.88
C SER F 55 -19.51 -11.88 14.05
N ASN F 56 -18.32 -11.41 14.36
CA ASN F 56 -17.56 -12.00 15.44
C ASN F 56 -18.05 -11.69 16.85
N THR F 57 -19.07 -10.84 16.97
CA THR F 57 -19.63 -10.54 18.29
C THR F 57 -20.42 -11.78 18.70
N ARG F 58 -20.72 -12.65 17.74
CA ARG F 58 -21.47 -13.87 17.98
C ARG F 58 -20.54 -15.06 18.19
N GLY F 59 -19.24 -14.82 18.04
CA GLY F 59 -18.28 -15.90 18.19
C GLY F 59 -17.36 -15.95 16.98
N PRO F 60 -16.29 -16.74 17.02
CA PRO F 60 -15.39 -16.81 15.86
C PRO F 60 -16.09 -17.22 14.57
N ALA F 61 -15.88 -16.41 13.53
CA ALA F 61 -16.48 -16.68 12.22
C ALA F 61 -15.59 -16.12 11.13
N VAL F 62 -15.64 -16.74 9.96
CA VAL F 62 -14.83 -16.30 8.82
C VAL F 62 -15.72 -16.08 7.59
N ALA F 63 -15.35 -15.10 6.77
CA ALA F 63 -16.10 -14.78 5.58
C ALA F 63 -16.13 -15.97 4.62
N LEU F 64 -17.31 -16.23 4.07
CA LEU F 64 -17.49 -17.34 3.16
C LEU F 64 -17.80 -16.83 1.75
N SER F 65 -18.87 -16.05 1.63
CA SER F 65 -19.29 -15.49 0.35
C SER F 65 -19.77 -14.07 0.57
N CYS F 66 -19.27 -13.14 -0.24
CA CYS F 66 -19.65 -11.75 -0.11
C CYS F 66 -19.95 -11.13 -1.47
N ARG F 67 -20.90 -10.20 -1.47
CA ARG F 67 -21.30 -9.48 -2.67
C ARG F 67 -21.13 -7.99 -2.41
N MET F 68 -20.65 -7.28 -3.42
CA MET F 68 -20.46 -5.84 -3.30
C MET F 68 -21.08 -5.18 -4.51
N ASP F 69 -22.04 -4.28 -4.28
CA ASP F 69 -22.71 -3.55 -5.35
C ASP F 69 -22.32 -2.08 -5.21
N TYR F 70 -21.69 -1.55 -6.26
CA TYR F 70 -21.21 -0.16 -6.27
C TYR F 70 -22.24 0.76 -6.92
N PHE F 71 -22.53 1.88 -6.24
CA PHE F 71 -23.52 2.83 -6.75
C PHE F 71 -22.96 4.20 -7.09
N ARG F 72 -22.04 4.68 -6.26
CA ARG F 72 -21.46 6.01 -6.47
C ARG F 72 -19.95 6.04 -6.24
N PRO F 73 -19.23 6.81 -7.05
CA PRO F 73 -17.78 6.92 -6.90
C PRO F 73 -17.47 7.90 -5.78
N LEU F 74 -16.30 7.79 -5.16
CA LEU F 74 -15.91 8.70 -4.11
C LEU F 74 -14.56 9.31 -4.43
N GLY F 75 -14.38 10.59 -4.09
CA GLY F 75 -13.13 11.25 -4.35
C GLY F 75 -12.23 11.27 -3.13
N ALA F 76 -10.97 11.63 -3.33
CA ALA F 76 -10.02 11.69 -2.22
C ALA F 76 -10.51 12.66 -1.14
N GLY F 77 -10.32 12.27 0.11
CA GLY F 77 -10.73 13.11 1.22
C GLY F 77 -12.13 12.85 1.72
N ALA F 78 -12.91 12.09 0.97
CA ALA F 78 -14.29 11.79 1.37
C ALA F 78 -14.34 10.96 2.65
N ARG F 79 -15.23 11.32 3.56
CA ARG F 79 -15.39 10.57 4.80
C ARG F 79 -16.43 9.50 4.52
N VAL F 80 -16.05 8.24 4.77
CA VAL F 80 -16.97 7.13 4.51
C VAL F 80 -17.15 6.25 5.74
N GLU F 81 -18.30 5.60 5.79
CA GLU F 81 -18.67 4.72 6.91
C GLU F 81 -19.38 3.46 6.41
N ALA F 82 -19.20 2.37 7.13
CA ALA F 82 -19.84 1.10 6.79
C ALA F 82 -20.68 0.67 7.99
N ARG F 83 -21.97 0.46 7.76
CA ARG F 83 -22.90 0.05 8.80
C ARG F 83 -23.34 -1.39 8.60
N ALA F 84 -22.91 -2.27 9.50
CA ALA F 84 -23.24 -3.68 9.41
C ALA F 84 -24.40 -4.07 10.33
N VAL F 85 -25.36 -4.79 9.77
CA VAL F 85 -26.51 -5.25 10.53
C VAL F 85 -26.73 -6.73 10.23
N GLU F 86 -27.11 -7.49 11.25
CA GLU F 86 -27.35 -8.91 11.14
C GLU F 86 -28.69 -9.21 10.48
N VAL F 87 -28.66 -10.00 9.40
CA VAL F 87 -29.88 -10.36 8.67
C VAL F 87 -30.38 -11.74 9.09
N ASN F 88 -29.45 -12.65 9.34
CA ASN F 88 -29.78 -14.01 9.76
C ASN F 88 -28.65 -14.60 10.58
N LEU F 89 -29.02 -15.33 11.62
CA LEU F 89 -28.05 -15.97 12.49
C LEU F 89 -28.47 -17.42 12.66
N SER F 90 -27.69 -18.33 12.09
CA SER F 90 -27.97 -19.76 12.21
C SER F 90 -26.82 -20.43 12.97
N ARG F 91 -26.99 -21.72 13.24
CA ARG F 91 -26.00 -22.50 13.97
C ARG F 91 -24.58 -22.42 13.40
N ARG F 92 -24.44 -22.68 12.11
CA ARG F 92 -23.11 -22.66 11.50
C ARG F 92 -22.86 -21.55 10.49
N THR F 93 -23.85 -20.67 10.29
CA THR F 93 -23.69 -19.57 9.34
C THR F 93 -24.46 -18.34 9.79
N ALA F 94 -24.06 -17.19 9.26
CA ALA F 94 -24.71 -15.92 9.58
C ALA F 94 -24.57 -15.00 8.39
N THR F 95 -25.57 -14.15 8.19
CA THR F 95 -25.55 -13.22 7.07
C THR F 95 -25.77 -11.79 7.54
N TYR F 96 -25.00 -10.87 6.95
CA TYR F 96 -25.07 -9.46 7.30
C TYR F 96 -25.21 -8.55 6.09
N ARG F 97 -25.86 -7.41 6.31
CA ARG F 97 -26.04 -6.40 5.28
C ARG F 97 -25.17 -5.23 5.76
N VAL F 98 -24.31 -4.74 4.88
CA VAL F 98 -23.45 -3.62 5.26
C VAL F 98 -23.61 -2.50 4.24
N GLU F 99 -24.10 -1.35 4.70
CA GLU F 99 -24.27 -0.21 3.81
C GLU F 99 -23.07 0.70 3.93
N VAL F 100 -22.55 1.13 2.79
CA VAL F 100 -21.40 2.03 2.76
C VAL F 100 -21.96 3.41 2.45
N VAL F 101 -21.83 4.32 3.40
CA VAL F 101 -22.39 5.66 3.24
C VAL F 101 -21.37 6.78 3.35
N SER F 102 -21.60 7.83 2.58
CA SER F 102 -20.73 9.00 2.60
C SER F 102 -21.61 10.23 2.45
N GLU F 103 -21.59 11.10 3.47
CA GLU F 103 -22.38 12.32 3.47
C GLU F 103 -23.85 12.08 3.09
N GLY F 104 -24.48 11.14 3.78
CA GLY F 104 -25.88 10.84 3.54
C GLY F 104 -26.22 10.09 2.25
N LYS F 105 -25.23 9.72 1.47
CA LYS F 105 -25.48 9.00 0.22
C LYS F 105 -25.01 7.55 0.32
N LEU F 106 -25.81 6.63 -0.23
CA LEU F 106 -25.46 5.22 -0.20
C LEU F 106 -24.47 4.96 -1.34
N VAL F 107 -23.22 4.80 -0.98
CA VAL F 107 -22.14 4.58 -1.94
C VAL F 107 -22.09 3.15 -2.48
N ALA F 108 -22.39 2.19 -1.63
CA ALA F 108 -22.36 0.79 -2.03
C ALA F 108 -23.10 -0.09 -1.04
N LEU F 109 -23.46 -1.29 -1.48
CA LEU F 109 -24.17 -2.24 -0.63
C LEU F 109 -23.36 -3.53 -0.61
N PHE F 110 -23.06 -3.99 0.58
CA PHE F 110 -22.29 -5.22 0.77
C PHE F 110 -23.19 -6.24 1.46
N THR F 111 -23.20 -7.46 0.94
CA THR F 111 -24.01 -8.53 1.51
C THR F 111 -23.04 -9.68 1.74
N GLY F 112 -22.94 -10.16 2.99
CA GLY F 112 -22.01 -11.23 3.25
C GLY F 112 -22.45 -12.32 4.20
N THR F 113 -21.95 -13.52 3.97
CA THR F 113 -22.26 -14.66 4.80
C THR F 113 -20.98 -15.24 5.38
N VAL F 114 -21.01 -15.53 6.67
CA VAL F 114 -19.85 -16.10 7.34
C VAL F 114 -20.13 -17.55 7.72
N PHE F 115 -19.04 -18.26 7.98
CA PHE F 115 -19.11 -19.64 8.41
C PHE F 115 -18.67 -19.52 9.87
N ARG F 116 -19.52 -19.96 10.80
CA ARG F 116 -19.21 -19.87 12.22
C ARG F 116 -18.34 -21.02 12.66
N LEU F 117 -17.22 -20.67 13.30
CA LEU F 117 -16.25 -21.65 13.78
C LEU F 117 -16.58 -22.17 15.17
N ASP G 3 -37.22 -35.31 -8.88
CA ASP G 3 -37.35 -33.90 -8.41
C ASP G 3 -38.60 -33.27 -9.04
N PRO G 4 -39.66 -33.08 -8.25
CA PRO G 4 -40.92 -32.50 -8.71
C PRO G 4 -40.78 -31.24 -9.57
N PHE G 5 -40.09 -30.23 -9.05
CA PHE G 5 -39.92 -28.97 -9.79
C PHE G 5 -39.23 -29.16 -11.13
N MET G 6 -38.18 -29.98 -11.16
CA MET G 6 -37.47 -30.23 -12.41
C MET G 6 -38.44 -30.85 -13.42
N GLU G 7 -39.20 -31.84 -12.95
CA GLU G 7 -40.17 -32.52 -13.80
C GLU G 7 -41.23 -31.52 -14.27
N ALA G 8 -41.69 -30.67 -13.36
CA ALA G 8 -42.69 -29.68 -13.70
C ALA G 8 -42.18 -28.69 -14.75
N LEU G 9 -40.88 -28.42 -14.71
CA LEU G 9 -40.27 -27.50 -15.66
C LEU G 9 -39.84 -28.17 -16.95
N GLY G 10 -39.99 -29.50 -17.01
CA GLY G 10 -39.61 -30.23 -18.20
C GLY G 10 -38.11 -30.39 -18.36
N LEU G 11 -37.38 -30.31 -17.25
CA LEU G 11 -35.93 -30.46 -17.28
C LEU G 11 -35.51 -31.92 -17.23
N LYS G 12 -34.42 -32.25 -17.91
CA LYS G 12 -33.91 -33.61 -17.94
C LYS G 12 -32.45 -33.70 -17.52
N VAL G 13 -32.12 -34.71 -16.73
CA VAL G 13 -30.75 -34.91 -16.30
C VAL G 13 -30.05 -35.69 -17.41
N LEU G 14 -29.06 -35.07 -18.05
CA LEU G 14 -28.33 -35.72 -19.12
C LEU G 14 -27.14 -36.51 -18.60
N HIS G 15 -26.60 -36.07 -17.46
CA HIS G 15 -25.45 -36.73 -16.89
C HIS G 15 -25.28 -36.39 -15.42
N LEU G 16 -24.98 -37.41 -14.63
CA LEU G 16 -24.78 -37.24 -13.21
C LEU G 16 -23.60 -38.11 -12.80
N ALA G 17 -22.62 -37.49 -12.14
CA ALA G 17 -21.43 -38.19 -11.69
C ALA G 17 -20.88 -37.44 -10.48
N PRO G 18 -19.90 -38.02 -9.78
CA PRO G 18 -19.32 -37.36 -8.60
C PRO G 18 -18.90 -35.92 -8.84
N GLY G 19 -19.53 -35.01 -8.11
CA GLY G 19 -19.22 -33.59 -8.21
C GLY G 19 -19.65 -32.87 -9.48
N GLU G 20 -20.46 -33.52 -10.31
CA GLU G 20 -20.90 -32.89 -11.56
C GLU G 20 -22.29 -33.32 -12.00
N ALA G 21 -22.93 -32.47 -12.79
CA ALA G 21 -24.26 -32.76 -13.32
C ALA G 21 -24.55 -31.89 -14.53
N VAL G 22 -25.29 -32.46 -15.48
CA VAL G 22 -25.68 -31.73 -16.67
C VAL G 22 -27.19 -31.87 -16.77
N VAL G 23 -27.87 -30.73 -16.89
CA VAL G 23 -29.32 -30.71 -16.99
C VAL G 23 -29.69 -29.91 -18.23
N ALA G 24 -30.71 -30.36 -18.94
CA ALA G 24 -31.14 -29.66 -20.15
C ALA G 24 -32.65 -29.45 -20.18
N GLY G 25 -33.09 -28.50 -20.99
CA GLY G 25 -34.51 -28.24 -21.09
C GLY G 25 -34.78 -27.35 -22.29
N GLU G 26 -36.05 -26.99 -22.47
CA GLU G 26 -36.44 -26.12 -23.57
C GLU G 26 -37.27 -24.99 -23.02
N VAL G 27 -37.04 -23.79 -23.53
CA VAL G 27 -37.80 -22.63 -23.09
C VAL G 27 -39.13 -22.70 -23.81
N ARG G 28 -40.21 -22.84 -23.04
CA ARG G 28 -41.54 -22.89 -23.62
C ARG G 28 -42.25 -21.57 -23.40
N ALA G 29 -43.42 -21.43 -24.04
CA ALA G 29 -44.21 -20.21 -23.95
C ALA G 29 -44.56 -19.81 -22.52
N ASP G 30 -44.80 -20.79 -21.64
CA ASP G 30 -45.14 -20.46 -20.26
C ASP G 30 -43.92 -20.33 -19.35
N HIS G 31 -42.75 -20.19 -19.97
CA HIS G 31 -41.49 -20.02 -19.24
C HIS G 31 -40.97 -18.61 -19.52
N LEU G 32 -41.75 -17.83 -20.27
CA LEU G 32 -41.35 -16.47 -20.61
C LEU G 32 -41.77 -15.49 -19.52
N ASN G 33 -41.12 -14.33 -19.52
CA ASN G 33 -41.40 -13.29 -18.54
C ASN G 33 -42.19 -12.15 -19.21
N LEU G 34 -42.36 -11.06 -18.47
CA LEU G 34 -43.10 -9.90 -18.97
C LEU G 34 -42.39 -9.20 -20.13
N HIS G 35 -41.15 -9.60 -20.41
CA HIS G 35 -40.37 -9.01 -21.51
C HIS G 35 -40.45 -9.86 -22.76
N GLY G 36 -41.05 -11.05 -22.65
CA GLY G 36 -41.17 -11.93 -23.79
C GLY G 36 -39.94 -12.80 -23.98
N THR G 37 -39.10 -12.88 -22.96
CA THR G 37 -37.89 -13.69 -23.03
C THR G 37 -37.90 -14.74 -21.90
N ALA G 38 -36.98 -15.69 -21.96
CA ALA G 38 -36.92 -16.74 -20.94
C ALA G 38 -36.81 -16.09 -19.57
N HIS G 39 -37.70 -16.47 -18.66
CA HIS G 39 -37.71 -15.90 -17.32
C HIS G 39 -36.42 -16.19 -16.56
N GLY G 40 -35.84 -15.16 -15.94
CA GLY G 40 -34.61 -15.33 -15.19
C GLY G 40 -34.72 -16.42 -14.14
N GLY G 41 -35.93 -16.63 -13.64
CA GLY G 41 -36.16 -17.66 -12.65
C GLY G 41 -36.17 -19.04 -13.27
N PHE G 42 -36.50 -19.11 -14.56
CA PHE G 42 -36.49 -20.41 -15.24
C PHE G 42 -35.04 -20.79 -15.48
N LEU G 43 -34.26 -19.85 -16.01
CA LEU G 43 -32.85 -20.11 -16.26
C LEU G 43 -32.14 -20.42 -14.94
N TYR G 44 -32.50 -19.71 -13.88
CA TYR G 44 -31.90 -19.97 -12.58
C TYR G 44 -32.30 -21.35 -12.07
N ALA G 45 -33.58 -21.70 -12.22
CA ALA G 45 -34.04 -23.00 -11.76
C ALA G 45 -33.24 -24.11 -12.43
N LEU G 46 -32.91 -23.91 -13.70
CA LEU G 46 -32.13 -24.88 -14.46
C LEU G 46 -30.72 -25.01 -13.87
N ALA G 47 -30.05 -23.87 -13.70
CA ALA G 47 -28.70 -23.87 -13.15
C ALA G 47 -28.71 -24.42 -11.72
N ASP G 48 -29.68 -23.96 -10.93
CA ASP G 48 -29.82 -24.39 -9.54
C ASP G 48 -30.03 -25.89 -9.44
N SER G 49 -30.77 -26.46 -10.39
CA SER G 49 -31.01 -27.89 -10.38
C SER G 49 -29.73 -28.68 -10.61
N ALA G 50 -28.92 -28.26 -11.58
CA ALA G 50 -27.66 -28.96 -11.84
C ALA G 50 -26.78 -28.84 -10.60
N PHE G 51 -26.74 -27.63 -10.03
CA PHE G 51 -25.98 -27.33 -8.83
C PHE G 51 -26.40 -28.24 -7.67
N ALA G 52 -27.71 -28.37 -7.47
CA ALA G 52 -28.25 -29.21 -6.41
C ALA G 52 -27.88 -30.68 -6.58
N LEU G 53 -28.01 -31.17 -7.81
CA LEU G 53 -27.70 -32.57 -8.08
C LEU G 53 -26.20 -32.85 -7.90
N ALA G 54 -25.36 -31.95 -8.45
CA ALA G 54 -23.93 -32.11 -8.33
C ALA G 54 -23.47 -32.10 -6.88
N SER G 55 -23.96 -31.16 -6.09
CA SER G 55 -23.58 -31.06 -4.69
C SER G 55 -24.07 -32.26 -3.86
N ASN G 56 -25.24 -32.78 -4.18
CA ASN G 56 -25.76 -33.91 -3.43
C ASN G 56 -25.08 -35.24 -3.72
N THR G 57 -24.21 -35.28 -4.74
CA THR G 57 -23.49 -36.50 -5.04
C THR G 57 -22.42 -36.69 -3.97
N ARG G 58 -22.14 -35.62 -3.23
CA ARG G 58 -21.13 -35.66 -2.17
C ARG G 58 -21.77 -35.94 -0.82
N GLY G 59 -23.10 -36.09 -0.80
CA GLY G 59 -23.80 -36.35 0.45
C GLY G 59 -24.80 -35.23 0.70
N PRO G 60 -25.63 -35.33 1.74
CA PRO G 60 -26.62 -34.28 2.03
C PRO G 60 -25.98 -32.91 2.14
N ALA G 61 -26.60 -31.91 1.52
CA ALA G 61 -26.10 -30.55 1.54
C ALA G 61 -27.22 -29.57 1.29
N VAL G 62 -27.09 -28.38 1.88
CA VAL G 62 -28.09 -27.34 1.71
C VAL G 62 -27.43 -26.09 1.14
N ALA G 63 -28.11 -25.44 0.19
CA ALA G 63 -27.56 -24.25 -0.44
C ALA G 63 -27.50 -23.08 0.54
N LEU G 64 -26.43 -22.31 0.43
CA LEU G 64 -26.24 -21.14 1.27
C LEU G 64 -26.43 -19.87 0.44
N SER G 65 -25.52 -19.66 -0.50
CA SER G 65 -25.56 -18.48 -1.36
C SER G 65 -25.28 -18.81 -2.82
N CYS G 66 -26.08 -18.21 -3.72
CA CYS G 66 -25.91 -18.42 -5.14
C CYS G 66 -25.94 -17.08 -5.86
N ARG G 67 -25.27 -17.02 -7.01
CA ARG G 67 -25.24 -15.81 -7.83
C ARG G 67 -25.52 -16.20 -9.26
N MET G 68 -26.26 -15.35 -9.96
CA MET G 68 -26.60 -15.59 -11.35
C MET G 68 -26.38 -14.33 -12.18
N ASP G 69 -25.50 -14.42 -13.17
CA ASP G 69 -25.23 -13.30 -14.05
C ASP G 69 -25.82 -13.65 -15.42
N TYR G 70 -26.67 -12.78 -15.94
CA TYR G 70 -27.34 -12.99 -17.22
C TYR G 70 -26.62 -12.27 -18.36
N PHE G 71 -26.36 -13.00 -19.45
CA PHE G 71 -25.66 -12.43 -20.60
C PHE G 71 -26.45 -12.34 -21.90
N ARG G 72 -27.24 -13.37 -22.18
CA ARG G 72 -28.01 -13.41 -23.42
C ARG G 72 -29.46 -13.79 -23.21
N PRO G 73 -30.38 -13.06 -23.85
CA PRO G 73 -31.81 -13.37 -23.70
C PRO G 73 -32.18 -14.54 -24.61
N LEU G 74 -33.15 -15.34 -24.19
CA LEU G 74 -33.62 -16.47 -24.99
C LEU G 74 -35.10 -16.35 -25.25
N GLY G 75 -35.54 -16.87 -26.39
CA GLY G 75 -36.95 -16.82 -26.72
C GLY G 75 -37.56 -18.21 -26.66
N ALA G 76 -38.87 -18.30 -26.84
CA ALA G 76 -39.55 -19.59 -26.80
C ALA G 76 -38.95 -20.52 -27.85
N GLY G 77 -38.79 -21.80 -27.48
CA GLY G 77 -38.25 -22.77 -28.40
C GLY G 77 -36.75 -23.02 -28.25
N ALA G 78 -36.07 -22.14 -27.52
CA ALA G 78 -34.63 -22.29 -27.31
C ALA G 78 -34.27 -23.48 -26.45
N ARG G 79 -33.26 -24.23 -26.86
CA ARG G 79 -32.80 -25.38 -26.09
C ARG G 79 -31.67 -24.86 -25.21
N VAL G 80 -31.74 -25.18 -23.93
CA VAL G 80 -30.72 -24.71 -22.99
C VAL G 80 -30.21 -25.85 -22.11
N GLU G 81 -28.93 -25.78 -21.77
CA GLU G 81 -28.32 -26.80 -20.95
C GLU G 81 -27.39 -26.16 -19.92
N ALA G 82 -27.27 -26.80 -18.76
CA ALA G 82 -26.42 -26.29 -17.70
C ALA G 82 -25.53 -27.40 -17.16
N ARG G 83 -24.24 -27.09 -17.00
CA ARG G 83 -23.31 -28.05 -16.45
C ARG G 83 -22.72 -27.51 -15.17
N ALA G 84 -22.86 -28.27 -14.09
CA ALA G 84 -22.34 -27.89 -12.79
C ALA G 84 -21.02 -28.58 -12.58
N VAL G 85 -20.01 -27.82 -12.20
CA VAL G 85 -18.69 -28.36 -11.93
C VAL G 85 -18.23 -27.87 -10.56
N GLU G 86 -17.60 -28.75 -9.81
CA GLU G 86 -17.10 -28.46 -8.48
C GLU G 86 -15.81 -27.63 -8.56
N VAL G 87 -15.78 -26.45 -7.93
CA VAL G 87 -14.58 -25.62 -7.94
C VAL G 87 -13.86 -25.66 -6.59
N ASN G 88 -14.58 -26.05 -5.56
CA ASN G 88 -14.01 -26.18 -4.21
C ASN G 88 -14.81 -27.18 -3.42
N LEU G 89 -14.11 -28.03 -2.68
CA LEU G 89 -14.76 -29.04 -1.86
C LEU G 89 -14.01 -29.14 -0.54
N SER G 90 -14.71 -28.88 0.55
CA SER G 90 -14.12 -28.97 1.88
C SER G 90 -15.04 -29.89 2.68
N ARG G 91 -14.67 -30.13 3.94
CA ARG G 91 -15.46 -31.01 4.78
C ARG G 91 -16.88 -30.50 5.05
N ARG G 92 -17.02 -29.19 5.22
CA ARG G 92 -18.33 -28.60 5.52
C ARG G 92 -18.94 -27.74 4.41
N THR G 93 -18.18 -27.45 3.35
CA THR G 93 -18.71 -26.62 2.27
C THR G 93 -18.25 -27.08 0.89
N ALA G 94 -18.92 -26.57 -0.13
CA ALA G 94 -18.59 -26.89 -1.51
C ALA G 94 -19.15 -25.77 -2.38
N THR G 95 -18.40 -25.42 -3.43
CA THR G 95 -18.83 -24.36 -4.33
C THR G 95 -18.78 -24.89 -5.75
N TYR G 96 -19.79 -24.54 -6.54
CA TYR G 96 -19.87 -25.00 -7.91
C TYR G 96 -20.07 -23.88 -8.92
N ARG G 97 -19.51 -24.08 -10.10
CA ARG G 97 -19.68 -23.12 -11.18
C ARG G 97 -20.66 -23.79 -12.12
N VAL G 98 -21.69 -23.07 -12.52
CA VAL G 98 -22.66 -23.64 -13.44
C VAL G 98 -22.78 -22.74 -14.66
N GLU G 99 -22.41 -23.29 -15.82
CA GLU G 99 -22.49 -22.52 -17.05
C GLU G 99 -23.79 -22.89 -17.77
N VAL G 100 -24.59 -21.89 -18.11
CA VAL G 100 -25.83 -22.11 -18.82
C VAL G 100 -25.56 -21.74 -20.27
N VAL G 101 -25.75 -22.70 -21.18
CA VAL G 101 -25.47 -22.44 -22.58
C VAL G 101 -26.59 -22.80 -23.53
N SER G 102 -26.56 -22.16 -24.70
CA SER G 102 -27.53 -22.41 -25.75
C SER G 102 -26.80 -22.17 -27.06
N GLU G 103 -26.77 -23.19 -27.92
CA GLU G 103 -26.11 -23.09 -29.21
C GLU G 103 -24.63 -22.71 -29.07
N GLY G 104 -23.95 -23.35 -28.13
CA GLY G 104 -22.53 -23.08 -27.92
C GLY G 104 -22.17 -21.75 -27.29
N LYS G 105 -23.17 -20.96 -26.94
CA LYS G 105 -22.90 -19.66 -26.33
C LYS G 105 -23.28 -19.61 -24.86
N LEU G 106 -22.50 -18.87 -24.08
CA LEU G 106 -22.77 -18.75 -22.65
C LEU G 106 -23.92 -17.78 -22.40
N VAL G 107 -25.07 -18.33 -22.03
CA VAL G 107 -26.27 -17.54 -21.76
C VAL G 107 -26.24 -16.91 -20.37
N ALA G 108 -25.70 -17.64 -19.41
CA ALA G 108 -25.63 -17.14 -18.03
C ALA G 108 -24.58 -17.91 -17.24
N LEU G 109 -24.09 -17.28 -16.18
CA LEU G 109 -23.08 -17.89 -15.33
C LEU G 109 -23.63 -17.93 -13.91
N PHE G 110 -23.57 -19.10 -13.30
CA PHE G 110 -24.08 -19.32 -11.96
C PHE G 110 -22.98 -19.83 -11.04
N THR G 111 -22.98 -19.35 -9.80
CA THR G 111 -22.03 -19.77 -8.79
C THR G 111 -22.88 -20.10 -7.55
N GLY G 112 -22.62 -21.24 -6.93
CA GLY G 112 -23.38 -21.61 -5.76
C GLY G 112 -22.54 -22.31 -4.72
N THR G 113 -22.83 -22.04 -3.45
CA THR G 113 -22.10 -22.65 -2.35
C THR G 113 -23.08 -23.34 -1.41
N VAL G 114 -22.71 -24.53 -0.96
CA VAL G 114 -23.56 -25.29 -0.05
C VAL G 114 -22.86 -25.56 1.27
N PHE G 115 -23.64 -25.93 2.27
CA PHE G 115 -23.10 -26.31 3.55
C PHE G 115 -23.33 -27.81 3.57
N ARG G 116 -22.27 -28.59 3.73
CA ARG G 116 -22.39 -30.04 3.75
C ARG G 116 -22.81 -30.51 5.12
N LEU G 117 -23.95 -31.21 5.18
CA LEU G 117 -24.49 -31.72 6.44
C LEU G 117 -23.84 -33.02 6.87
N MET H 1 0.18 2.64 -16.55
CA MET H 1 -0.65 3.53 -15.69
C MET H 1 -0.18 3.50 -14.24
N ARG H 2 -0.95 4.16 -13.37
CA ARG H 2 -0.63 4.20 -11.95
C ARG H 2 -1.88 4.04 -11.08
N ASP H 3 -1.81 3.10 -10.14
CA ASP H 3 -2.93 2.87 -9.23
C ASP H 3 -2.37 2.93 -7.82
N PRO H 4 -2.64 4.04 -7.10
CA PRO H 4 -2.16 4.24 -5.73
C PRO H 4 -2.42 3.11 -4.75
N PHE H 5 -3.65 2.57 -4.75
CA PHE H 5 -3.97 1.50 -3.81
C PHE H 5 -3.17 0.24 -4.10
N MET H 6 -2.98 -0.09 -5.37
CA MET H 6 -2.20 -1.27 -5.72
C MET H 6 -0.76 -1.07 -5.24
N GLU H 7 -0.25 0.13 -5.47
CA GLU H 7 1.11 0.46 -5.04
C GLU H 7 1.26 0.31 -3.53
N ALA H 8 0.28 0.86 -2.79
CA ALA H 8 0.31 0.80 -1.33
C ALA H 8 0.22 -0.64 -0.83
N LEU H 9 -0.52 -1.48 -1.54
CA LEU H 9 -0.68 -2.88 -1.16
C LEU H 9 0.47 -3.76 -1.65
N GLY H 10 1.36 -3.18 -2.46
CA GLY H 10 2.49 -3.93 -2.97
C GLY H 10 2.12 -4.89 -4.09
N LEU H 11 1.03 -4.57 -4.79
CA LEU H 11 0.55 -5.40 -5.89
C LEU H 11 1.25 -5.00 -7.18
N LYS H 12 1.57 -5.99 -8.00
CA LYS H 12 2.26 -5.74 -9.26
C LYS H 12 1.50 -6.31 -10.45
N VAL H 13 1.44 -5.54 -11.53
CA VAL H 13 0.77 -5.98 -12.74
C VAL H 13 1.76 -6.83 -13.51
N LEU H 14 1.48 -8.12 -13.66
CA LEU H 14 2.38 -9.01 -14.37
C LEU H 14 2.11 -9.06 -15.85
N HIS H 15 0.86 -9.26 -16.21
CA HIS H 15 0.46 -9.34 -17.60
C HIS H 15 -0.83 -8.60 -17.87
N LEU H 16 -0.91 -8.01 -19.05
CA LEU H 16 -2.10 -7.27 -19.44
C LEU H 16 -2.32 -7.50 -20.93
N ALA H 17 -3.51 -8.00 -21.29
CA ALA H 17 -3.84 -8.26 -22.68
C ALA H 17 -5.34 -8.00 -22.88
N PRO H 18 -5.80 -7.96 -24.14
CA PRO H 18 -7.23 -7.71 -24.37
C PRO H 18 -8.14 -8.61 -23.55
N GLY H 19 -8.91 -7.99 -22.65
CA GLY H 19 -9.84 -8.74 -21.81
C GLY H 19 -9.23 -9.59 -20.71
N GLU H 20 -7.94 -9.45 -20.44
CA GLU H 20 -7.31 -10.25 -19.40
C GLU H 20 -6.22 -9.51 -18.65
N ALA H 21 -5.93 -9.97 -17.44
CA ALA H 21 -4.90 -9.35 -16.61
C ALA H 21 -4.46 -10.29 -15.49
N VAL H 22 -3.18 -10.22 -15.14
CA VAL H 22 -2.63 -11.04 -14.07
C VAL H 22 -1.91 -10.09 -13.12
N VAL H 23 -2.33 -10.11 -11.86
CA VAL H 23 -1.73 -9.26 -10.84
C VAL H 23 -1.17 -10.15 -9.74
N ALA H 24 0.00 -9.79 -9.24
CA ALA H 24 0.62 -10.58 -8.19
C ALA H 24 0.89 -9.75 -6.96
N GLY H 25 1.02 -10.44 -5.83
CA GLY H 25 1.28 -9.76 -4.58
C GLY H 25 1.71 -10.77 -3.54
N GLU H 26 1.95 -10.29 -2.33
CA GLU H 26 2.34 -11.15 -1.24
C GLU H 26 1.60 -10.72 0.00
N VAL H 27 1.09 -11.68 0.76
CA VAL H 27 0.39 -11.36 1.99
C VAL H 27 1.46 -11.02 3.01
N ARG H 28 1.45 -9.78 3.48
CA ARG H 28 2.43 -9.36 4.49
C ARG H 28 1.73 -9.25 5.84
N ALA H 29 2.52 -9.08 6.89
CA ALA H 29 2.00 -8.98 8.25
C ALA H 29 0.92 -7.93 8.45
N ASP H 30 1.00 -6.83 7.71
CA ASP H 30 0.00 -5.78 7.87
C ASP H 30 -1.23 -5.96 6.98
N HIS H 31 -1.36 -7.16 6.41
CA HIS H 31 -2.50 -7.50 5.56
C HIS H 31 -3.35 -8.57 6.25
N LEU H 32 -2.98 -8.94 7.47
CA LEU H 32 -3.71 -9.96 8.22
C LEU H 32 -4.92 -9.39 8.95
N ASN H 33 -5.85 -10.28 9.30
CA ASN H 33 -7.07 -9.88 10.01
C ASN H 33 -7.02 -10.29 11.48
N LEU H 34 -8.16 -10.10 12.18
CA LEU H 34 -8.25 -10.44 13.59
C LEU H 34 -8.15 -11.94 13.85
N HIS H 35 -8.19 -12.74 12.80
CA HIS H 35 -8.09 -14.19 12.92
C HIS H 35 -6.64 -14.65 12.69
N GLY H 36 -5.80 -13.72 12.24
CA GLY H 36 -4.42 -14.06 11.97
C GLY H 36 -4.19 -14.58 10.57
N THR H 37 -5.19 -14.41 9.69
CA THR H 37 -5.08 -14.84 8.30
C THR H 37 -5.19 -13.66 7.35
N ALA H 38 -4.89 -13.89 6.08
CA ALA H 38 -4.97 -12.81 5.08
C ALA H 38 -6.37 -12.21 5.12
N HIS H 39 -6.44 -10.89 5.27
CA HIS H 39 -7.72 -10.20 5.34
C HIS H 39 -8.53 -10.40 4.06
N GLY H 40 -9.83 -10.65 4.21
CA GLY H 40 -10.68 -10.85 3.06
C GLY H 40 -10.63 -9.65 2.11
N GLY H 41 -10.41 -8.47 2.68
CA GLY H 41 -10.34 -7.27 1.87
C GLY H 41 -9.09 -7.17 1.03
N PHE H 42 -8.00 -7.77 1.52
CA PHE H 42 -6.74 -7.76 0.79
C PHE H 42 -6.86 -8.69 -0.41
N LEU H 43 -7.37 -9.89 -0.18
CA LEU H 43 -7.54 -10.85 -1.28
C LEU H 43 -8.53 -10.27 -2.30
N TYR H 44 -9.59 -9.61 -1.82
CA TYR H 44 -10.55 -9.02 -2.74
C TYR H 44 -9.90 -7.88 -3.50
N ALA H 45 -9.11 -7.06 -2.80
CA ALA H 45 -8.43 -5.93 -3.43
C ALA H 45 -7.57 -6.43 -4.59
N LEU H 46 -6.89 -7.55 -4.36
CA LEU H 46 -6.04 -8.14 -5.39
C LEU H 46 -6.88 -8.58 -6.58
N ALA H 47 -7.93 -9.35 -6.30
CA ALA H 47 -8.81 -9.84 -7.36
C ALA H 47 -9.50 -8.70 -8.09
N ASP H 48 -9.96 -7.71 -7.34
CA ASP H 48 -10.65 -6.54 -7.90
C ASP H 48 -9.72 -5.75 -8.83
N SER H 49 -8.43 -5.72 -8.47
CA SER H 49 -7.45 -4.99 -9.27
C SER H 49 -7.26 -5.64 -10.63
N ALA H 50 -7.16 -6.96 -10.66
CA ALA H 50 -6.99 -7.68 -11.92
C ALA H 50 -8.26 -7.45 -12.73
N PHE H 51 -9.39 -7.48 -12.04
CA PHE H 51 -10.72 -7.27 -12.63
C PHE H 51 -10.80 -5.90 -13.30
N ALA H 52 -10.37 -4.86 -12.58
CA ALA H 52 -10.39 -3.50 -13.09
C ALA H 52 -9.50 -3.32 -14.32
N LEU H 53 -8.27 -3.84 -14.23
CA LEU H 53 -7.32 -3.72 -15.35
C LEU H 53 -7.80 -4.48 -16.58
N ALA H 54 -8.28 -5.69 -16.37
CA ALA H 54 -8.76 -6.51 -17.47
C ALA H 54 -9.92 -5.82 -18.18
N SER H 55 -10.88 -5.31 -17.42
CA SER H 55 -12.04 -4.64 -18.00
C SER H 55 -11.66 -3.35 -18.70
N ASN H 56 -10.69 -2.62 -18.15
CA ASN H 56 -10.28 -1.37 -18.75
C ASN H 56 -9.50 -1.53 -20.05
N THR H 57 -9.18 -2.77 -20.43
CA THR H 57 -8.47 -2.99 -21.69
C THR H 57 -9.47 -2.88 -22.82
N ARG H 58 -10.76 -2.91 -22.48
CA ARG H 58 -11.84 -2.81 -23.46
C ARG H 58 -12.35 -1.38 -23.56
N GLY H 59 -11.83 -0.53 -22.67
CA GLY H 59 -12.26 0.87 -22.66
C GLY H 59 -12.74 1.25 -21.28
N PRO H 60 -13.10 2.53 -21.07
CA PRO H 60 -13.58 2.98 -19.76
C PRO H 60 -14.76 2.15 -19.26
N ALA H 61 -14.70 1.77 -18.00
CA ALA H 61 -15.78 0.96 -17.41
C ALA H 61 -15.86 1.19 -15.92
N VAL H 62 -17.06 1.01 -15.38
CA VAL H 62 -17.30 1.17 -13.95
C VAL H 62 -17.87 -0.13 -13.40
N ALA H 63 -17.33 -0.58 -12.28
CA ALA H 63 -17.80 -1.82 -11.65
C ALA H 63 -19.22 -1.68 -11.09
N LEU H 64 -20.03 -2.70 -11.30
CA LEU H 64 -21.40 -2.70 -10.81
C LEU H 64 -21.54 -3.66 -9.63
N SER H 65 -21.37 -4.95 -9.89
CA SER H 65 -21.50 -5.96 -8.84
C SER H 65 -20.39 -6.99 -8.89
N CYS H 66 -19.86 -7.33 -7.72
CA CYS H 66 -18.78 -8.32 -7.61
C CYS H 66 -19.09 -9.30 -6.49
N ARG H 67 -18.59 -10.52 -6.63
CA ARG H 67 -18.79 -11.56 -5.64
C ARG H 67 -17.44 -12.20 -5.35
N MET H 68 -17.22 -12.53 -4.09
CA MET H 68 -15.99 -13.17 -3.69
C MET H 68 -16.31 -14.37 -2.80
N ASP H 69 -15.82 -15.54 -3.19
CA ASP H 69 -16.04 -16.75 -2.43
C ASP H 69 -14.67 -17.19 -1.89
N TYR H 70 -14.58 -17.37 -0.57
CA TYR H 70 -13.33 -17.74 0.07
C TYR H 70 -13.22 -19.25 0.35
N PHE H 71 -12.15 -19.86 -0.12
CA PHE H 71 -11.95 -21.30 0.05
C PHE H 71 -10.83 -21.70 1.02
N ARG H 72 -9.70 -21.01 0.96
CA ARG H 72 -8.56 -21.35 1.81
C ARG H 72 -7.91 -20.13 2.46
N PRO H 73 -7.59 -20.23 3.77
CA PRO H 73 -6.96 -19.11 4.46
C PRO H 73 -5.48 -19.06 4.05
N LEU H 74 -4.86 -17.90 4.21
CA LEU H 74 -3.46 -17.73 3.88
C LEU H 74 -2.77 -16.98 5.01
N GLY H 75 -1.48 -17.23 5.20
CA GLY H 75 -0.75 -16.54 6.24
C GLY H 75 0.25 -15.57 5.65
N ALA H 76 0.90 -14.78 6.51
CA ALA H 76 1.88 -13.82 6.04
C ALA H 76 2.96 -14.57 5.27
N GLY H 77 3.41 -13.98 4.17
CA GLY H 77 4.45 -14.61 3.37
C GLY H 77 3.90 -15.33 2.14
N ALA H 78 2.60 -15.56 2.12
CA ALA H 78 2.00 -16.25 0.98
C ALA H 78 2.08 -15.43 -0.30
N ARG H 79 2.59 -16.05 -1.36
CA ARG H 79 2.69 -15.41 -2.67
C ARG H 79 1.34 -15.66 -3.32
N VAL H 80 0.69 -14.61 -3.82
CA VAL H 80 -0.61 -14.76 -4.43
C VAL H 80 -0.71 -14.17 -5.83
N GLU H 81 -1.53 -14.80 -6.66
CA GLU H 81 -1.74 -14.35 -8.02
C GLU H 81 -3.23 -14.32 -8.35
N ALA H 82 -3.68 -13.26 -9.00
CA ALA H 82 -5.07 -13.13 -9.39
C ALA H 82 -5.11 -13.04 -10.91
N ARG H 83 -5.81 -13.97 -11.56
CA ARG H 83 -5.89 -13.99 -13.01
C ARG H 83 -7.31 -13.73 -13.48
N ALA H 84 -7.50 -12.60 -14.14
CA ALA H 84 -8.82 -12.22 -14.65
C ALA H 84 -9.00 -12.69 -16.09
N VAL H 85 -10.15 -13.31 -16.35
CA VAL H 85 -10.50 -13.79 -17.68
C VAL H 85 -11.90 -13.30 -18.00
N GLU H 86 -12.09 -12.88 -19.25
CA GLU H 86 -13.36 -12.36 -19.70
C GLU H 86 -14.34 -13.49 -20.03
N VAL H 87 -15.51 -13.50 -19.39
CA VAL H 87 -16.49 -14.54 -19.65
C VAL H 87 -17.63 -14.03 -20.53
N ASN H 88 -17.85 -12.73 -20.54
CA ASN H 88 -18.88 -12.13 -21.37
C ASN H 88 -18.54 -10.69 -21.70
N LEU H 89 -18.74 -10.32 -22.95
CA LEU H 89 -18.46 -8.97 -23.39
C LEU H 89 -19.59 -8.51 -24.30
N SER H 90 -20.29 -7.47 -23.88
CA SER H 90 -21.39 -6.92 -24.67
C SER H 90 -21.07 -5.45 -24.89
N ARG H 91 -21.93 -4.75 -25.61
CA ARG H 91 -21.70 -3.34 -25.90
C ARG H 91 -21.65 -2.47 -24.65
N ARG H 92 -22.50 -2.76 -23.67
CA ARG H 92 -22.55 -1.94 -22.46
C ARG H 92 -22.16 -2.65 -21.15
N THR H 93 -21.87 -3.94 -21.22
CA THR H 93 -21.47 -4.66 -20.01
C THR H 93 -20.38 -5.67 -20.30
N ALA H 94 -19.75 -6.15 -19.23
CA ALA H 94 -18.70 -7.16 -19.34
C ALA H 94 -18.59 -7.84 -17.99
N THR H 95 -18.32 -9.14 -18.02
CA THR H 95 -18.20 -9.93 -16.80
C THR H 95 -16.90 -10.70 -16.82
N TYR H 96 -16.23 -10.76 -15.68
CA TYR H 96 -14.95 -11.45 -15.59
C TYR H 96 -14.88 -12.40 -14.41
N ARG H 97 -14.16 -13.49 -14.61
CA ARG H 97 -13.94 -14.46 -13.55
C ARG H 97 -12.50 -14.21 -13.14
N VAL H 98 -12.24 -14.15 -11.84
CA VAL H 98 -10.89 -13.92 -11.36
C VAL H 98 -10.57 -14.98 -10.32
N GLU H 99 -9.55 -15.79 -10.59
CA GLU H 99 -9.15 -16.83 -9.66
C GLU H 99 -7.95 -16.33 -8.87
N VAL H 100 -8.04 -16.44 -7.55
CA VAL H 100 -6.95 -16.04 -6.67
C VAL H 100 -6.23 -17.34 -6.32
N VAL H 101 -4.96 -17.42 -6.71
CA VAL H 101 -4.19 -18.64 -6.50
C VAL H 101 -2.90 -18.44 -5.71
N SER H 102 -2.56 -19.43 -4.92
CA SER H 102 -1.34 -19.42 -4.11
C SER H 102 -0.83 -20.85 -4.07
N GLU H 103 0.40 -21.05 -4.55
CA GLU H 103 1.00 -22.39 -4.56
C GLU H 103 0.14 -23.39 -5.34
N GLY H 104 -0.42 -22.95 -6.46
CA GLY H 104 -1.24 -23.83 -7.27
C GLY H 104 -2.59 -24.20 -6.69
N LYS H 105 -2.96 -23.58 -5.56
CA LYS H 105 -4.24 -23.86 -4.94
C LYS H 105 -5.19 -22.69 -5.11
N LEU H 106 -6.46 -22.99 -5.40
CA LEU H 106 -7.48 -21.95 -5.57
C LEU H 106 -7.93 -21.45 -4.21
N VAL H 107 -7.41 -20.28 -3.84
CA VAL H 107 -7.71 -19.65 -2.56
C VAL H 107 -9.08 -18.99 -2.50
N ALA H 108 -9.50 -18.38 -3.59
CA ALA H 108 -10.78 -17.70 -3.65
C ALA H 108 -11.22 -17.53 -5.09
N LEU H 109 -12.53 -17.37 -5.30
CA LEU H 109 -13.10 -17.19 -6.62
C LEU H 109 -13.86 -15.87 -6.64
N PHE H 110 -13.51 -15.02 -7.60
CA PHE H 110 -14.13 -13.70 -7.75
C PHE H 110 -14.85 -13.61 -9.09
N THR H 111 -16.02 -12.97 -9.08
CA THR H 111 -16.82 -12.75 -10.28
C THR H 111 -17.19 -11.27 -10.27
N GLY H 112 -17.01 -10.59 -11.39
CA GLY H 112 -17.34 -9.18 -11.43
C GLY H 112 -17.89 -8.69 -12.75
N THR H 113 -18.85 -7.78 -12.67
CA THR H 113 -19.49 -7.21 -13.86
C THR H 113 -19.34 -5.68 -13.87
N VAL H 114 -19.03 -5.14 -15.04
CA VAL H 114 -18.87 -3.70 -15.20
C VAL H 114 -19.88 -3.15 -16.19
N PHE H 115 -20.03 -1.83 -16.17
CA PHE H 115 -20.87 -1.13 -17.12
C PHE H 115 -19.86 -0.41 -17.99
N ARG H 116 -19.92 -0.63 -19.30
CA ARG H 116 -18.99 0.00 -20.22
C ARG H 116 -19.46 1.38 -20.61
N LEU H 117 -18.61 2.38 -20.38
CA LEU H 117 -18.93 3.77 -20.69
C LEU H 117 -18.60 4.13 -22.13
#